data_2N1O
#
_entry.id   2N1O
#
_cell.length_a   1.000
_cell.length_b   1.000
_cell.length_c   1.000
_cell.angle_alpha   90.00
_cell.angle_beta   90.00
_cell.angle_gamma   90.00
#
_symmetry.space_group_name_H-M   'P 1'
#
loop_
_entity.id
_entity.type
_entity.pdbx_description
1 polymer 'Peptidyl-prolyl cis-trans isomerase NIMA-interacting 1'
2 polymer 'Cytoplasmic polyadenylation element-binding protein 1'
#
loop_
_entity_poly.entity_id
_entity_poly.type
_entity_poly.pdbx_seq_one_letter_code
_entity_poly.pdbx_strand_id
1 'polypeptide(L)' LPPGWEKRMSRSSGRVYYFNHITNASQWERPSG A
2 'polypeptide(L)' RI(SEP)PPLPF B
#
# COMPACT_ATOMS: atom_id res chain seq x y z
N LEU A 1 6.25 -2.13 10.79
CA LEU A 1 4.84 -1.93 10.42
C LEU A 1 3.98 -3.06 10.95
N PRO A 2 2.81 -2.74 11.52
CA PRO A 2 1.85 -3.72 12.03
C PRO A 2 1.57 -4.84 11.03
N PRO A 3 1.27 -6.06 11.53
CA PRO A 3 0.96 -7.24 10.71
C PRO A 3 -0.04 -6.97 9.60
N GLY A 4 -0.94 -6.01 9.84
CA GLY A 4 -1.98 -5.68 8.86
C GLY A 4 -1.43 -5.05 7.59
N TRP A 5 -0.17 -4.62 7.62
CA TRP A 5 0.47 -4.02 6.45
C TRP A 5 1.15 -5.10 5.61
N GLU A 6 0.56 -5.38 4.46
CA GLU A 6 1.11 -6.35 3.52
C GLU A 6 1.75 -5.63 2.35
N LYS A 7 2.77 -6.24 1.78
CA LYS A 7 3.33 -5.72 0.55
C LYS A 7 2.75 -6.45 -0.64
N ARG A 8 1.99 -5.71 -1.42
CA ARG A 8 1.14 -6.27 -2.46
C ARG A 8 1.47 -5.57 -3.77
N MET A 9 1.30 -6.27 -4.89
CA MET A 9 1.71 -5.73 -6.18
C MET A 9 0.59 -4.92 -6.82
N SER A 10 0.92 -3.67 -7.13
CA SER A 10 -0.04 -2.72 -7.68
C SER A 10 -0.06 -2.78 -9.20
N ARG A 11 -1.23 -2.47 -9.74
CA ARG A 11 -1.58 -2.74 -11.12
C ARG A 11 -0.83 -1.88 -12.13
N SER A 12 -0.94 -0.57 -11.99
CA SER A 12 -0.51 0.35 -13.04
C SER A 12 1.01 0.40 -13.21
N SER A 13 1.72 0.66 -12.13
CA SER A 13 3.17 0.84 -12.20
C SER A 13 3.90 -0.50 -12.01
N GLY A 14 3.17 -1.54 -11.61
CA GLY A 14 3.81 -2.79 -11.25
C GLY A 14 4.72 -2.59 -10.08
N ARG A 15 4.15 -2.09 -9.00
CA ARG A 15 4.93 -1.57 -7.87
C ARG A 15 4.57 -2.32 -6.59
N VAL A 16 5.50 -2.45 -5.67
CA VAL A 16 5.20 -3.09 -4.41
C VAL A 16 4.69 -2.07 -3.40
N TYR A 17 3.37 -1.97 -3.31
CA TYR A 17 2.73 -0.99 -2.45
C TYR A 17 2.29 -1.66 -1.16
N TYR A 18 2.26 -0.88 -0.10
CA TYR A 18 1.88 -1.37 1.21
C TYR A 18 0.37 -1.23 1.38
N PHE A 19 -0.32 -2.35 1.51
CA PHE A 19 -1.76 -2.33 1.73
C PHE A 19 -2.07 -2.83 3.14
N ASN A 20 -2.85 -2.06 3.88
CA ASN A 20 -3.23 -2.43 5.24
C ASN A 20 -4.74 -2.49 5.37
N HIS A 21 -5.26 -3.64 5.81
CA HIS A 21 -6.71 -3.80 5.92
C HIS A 21 -7.22 -3.57 7.33
N ILE A 22 -6.34 -3.32 8.30
CA ILE A 22 -6.80 -2.97 9.64
C ILE A 22 -7.21 -1.49 9.66
N THR A 23 -6.41 -0.67 9.00
CA THR A 23 -6.75 0.74 8.79
C THR A 23 -7.52 0.91 7.47
N ASN A 24 -7.42 -0.11 6.60
CA ASN A 24 -8.02 -0.09 5.25
C ASN A 24 -7.31 0.96 4.39
N ALA A 25 -6.11 1.34 4.84
CA ALA A 25 -5.32 2.34 4.14
C ALA A 25 -4.36 1.68 3.17
N SER A 26 -4.05 2.39 2.09
CA SER A 26 -3.15 1.88 1.07
C SER A 26 -2.09 2.92 0.72
N GLN A 27 -0.84 2.53 0.81
CA GLN A 27 0.27 3.45 0.59
C GLN A 27 1.32 2.87 -0.35
N TRP A 28 1.44 3.45 -1.54
CA TRP A 28 2.54 3.12 -2.43
C TRP A 28 3.83 3.67 -1.85
N GLU A 29 3.69 4.83 -1.26
CA GLU A 29 4.78 5.49 -0.59
C GLU A 29 4.94 4.85 0.80
N ARG A 30 6.11 4.93 1.39
CA ARG A 30 6.41 4.12 2.58
C ARG A 30 5.62 4.61 3.80
N PRO A 31 4.87 3.68 4.44
CA PRO A 31 3.98 3.98 5.57
C PRO A 31 4.68 4.67 6.74
N SER A 32 5.96 4.39 6.91
CA SER A 32 6.72 4.93 8.03
C SER A 32 7.39 6.25 7.66
N GLY A 33 7.22 6.68 6.43
CA GLY A 33 7.86 7.90 5.97
C GLY A 33 9.26 7.65 5.48
N ARG B 1 -8.29 -3.49 -10.53
CA ARG B 1 -9.63 -2.93 -10.24
C ARG B 1 -9.57 -2.11 -8.96
N ILE B 2 -8.83 -2.59 -7.98
CA ILE B 2 -8.54 -1.79 -6.81
C ILE B 2 -7.10 -1.36 -6.82
N PRO B 4 -4.62 1.94 -5.91
CA PRO B 4 -4.39 3.17 -5.15
C PRO B 4 -3.65 4.25 -5.90
N PRO B 5 -4.13 5.44 -5.66
CA PRO B 5 -3.40 6.70 -5.86
C PRO B 5 -2.28 6.85 -4.82
N LEU B 6 -1.13 7.35 -5.22
CA LEU B 6 -0.02 7.52 -4.28
C LEU B 6 -0.21 8.80 -3.50
N PRO B 7 0.06 8.71 -2.21
CA PRO B 7 -0.12 9.80 -1.24
C PRO B 7 0.69 11.05 -1.57
N PHE B 8 1.59 10.94 -2.52
CA PHE B 8 2.39 12.07 -2.97
C PHE B 8 2.05 12.43 -4.41
N LEU A 1 5.81 -0.88 9.85
CA LEU A 1 4.39 -1.17 9.49
C LEU A 1 4.18 -2.58 8.90
N PRO A 2 5.13 -3.14 8.09
CA PRO A 2 4.96 -4.45 7.42
C PRO A 2 4.41 -5.61 8.29
N PRO A 3 4.72 -5.71 9.61
CA PRO A 3 4.08 -6.71 10.47
C PRO A 3 2.55 -6.66 10.44
N GLY A 4 2.01 -5.47 10.19
CA GLY A 4 0.57 -5.32 10.08
C GLY A 4 0.13 -5.02 8.67
N TRP A 5 0.91 -4.20 7.98
CA TRP A 5 0.62 -3.80 6.61
C TRP A 5 1.26 -4.78 5.64
N GLU A 6 0.46 -5.31 4.73
CA GLU A 6 0.91 -6.40 3.88
C GLU A 6 1.53 -5.87 2.59
N LYS A 7 2.46 -6.63 2.06
CA LYS A 7 3.12 -6.26 0.83
C LYS A 7 2.37 -6.84 -0.37
N ARG A 8 1.66 -5.94 -1.03
CA ARG A 8 0.79 -6.27 -2.14
C ARG A 8 1.20 -5.42 -3.34
N MET A 9 1.01 -5.94 -4.55
CA MET A 9 1.53 -5.28 -5.75
C MET A 9 0.53 -4.29 -6.30
N SER A 10 1.01 -3.09 -6.57
CA SER A 10 0.19 -1.98 -7.00
C SER A 10 0.09 -1.96 -8.51
N ARG A 11 -1.13 -1.76 -8.97
CA ARG A 11 -1.51 -2.02 -10.35
C ARG A 11 -1.00 -0.95 -11.34
N SER A 12 -0.86 0.29 -10.89
CA SER A 12 -0.45 1.37 -11.78
C SER A 12 1.05 1.33 -12.05
N SER A 13 1.84 1.55 -11.00
CA SER A 13 3.29 1.68 -11.17
C SER A 13 4.00 0.33 -11.12
N GLY A 14 3.29 -0.73 -10.76
CA GLY A 14 3.94 -2.02 -10.57
C GLY A 14 4.89 -1.95 -9.39
N ARG A 15 4.35 -1.53 -8.25
CA ARG A 15 5.16 -1.15 -7.09
C ARG A 15 4.63 -1.81 -5.83
N VAL A 16 5.47 -2.09 -4.86
CA VAL A 16 4.99 -2.79 -3.69
C VAL A 16 4.49 -1.78 -2.65
N TYR A 17 3.18 -1.56 -2.70
CA TYR A 17 2.50 -0.60 -1.85
C TYR A 17 2.05 -1.31 -0.58
N TYR A 18 1.97 -0.58 0.52
CA TYR A 18 1.57 -1.18 1.78
C TYR A 18 0.06 -1.10 1.92
N PHE A 19 -0.58 -2.26 1.84
CA PHE A 19 -2.01 -2.36 2.00
C PHE A 19 -2.33 -3.03 3.33
N ASN A 20 -3.21 -2.43 4.10
CA ASN A 20 -3.63 -3.04 5.35
C ASN A 20 -5.15 -3.08 5.44
N HIS A 21 -5.70 -4.26 5.69
CA HIS A 21 -7.15 -4.41 5.78
C HIS A 21 -7.66 -4.22 7.20
N ILE A 22 -6.76 -3.95 8.15
CA ILE A 22 -7.20 -3.59 9.49
C ILE A 22 -7.71 -2.15 9.48
N THR A 23 -6.97 -1.30 8.78
CA THR A 23 -7.37 0.08 8.57
C THR A 23 -8.19 0.24 7.29
N ASN A 24 -8.06 -0.74 6.39
CA ASN A 24 -8.66 -0.69 5.04
C ASN A 24 -7.90 0.34 4.19
N ALA A 25 -6.75 0.76 4.70
CA ALA A 25 -5.97 1.80 4.05
C ALA A 25 -4.98 1.21 3.05
N SER A 26 -4.82 1.90 1.94
CA SER A 26 -3.89 1.50 0.89
C SER A 26 -2.87 2.60 0.68
N GLN A 27 -1.63 2.36 1.08
CA GLN A 27 -0.61 3.38 1.03
C GLN A 27 0.60 2.96 0.22
N TRP A 28 0.74 3.52 -0.97
CA TRP A 28 1.93 3.34 -1.77
C TRP A 28 3.02 4.18 -1.17
N GLU A 29 2.58 5.23 -0.52
CA GLU A 29 3.46 6.14 0.16
C GLU A 29 3.52 5.70 1.62
N ARG A 30 4.65 5.90 2.28
CA ARG A 30 4.91 5.19 3.53
C ARG A 30 4.02 5.65 4.68
N PRO A 31 3.31 4.68 5.31
CA PRO A 31 2.37 4.93 6.41
C PRO A 31 2.96 5.78 7.53
N SER A 32 3.96 5.24 8.20
CA SER A 32 4.62 5.94 9.29
C SER A 32 6.12 5.63 9.25
N GLY A 33 6.55 5.06 8.14
CA GLY A 33 7.93 4.65 7.99
C GLY A 33 8.09 3.71 6.81
N ARG B 1 -10.36 -0.68 -10.72
CA ARG B 1 -10.47 -1.91 -9.89
C ARG B 1 -10.36 -1.54 -8.42
N ILE B 2 -9.23 -1.86 -7.81
CA ILE B 2 -8.90 -1.38 -6.48
C ILE B 2 -7.45 -0.95 -6.46
N PRO B 4 -5.05 2.81 -5.74
CA PRO B 4 -4.72 4.20 -5.45
C PRO B 4 -3.69 4.79 -6.38
N PRO B 5 -4.09 5.88 -6.95
CA PRO B 5 -3.18 6.78 -7.66
C PRO B 5 -2.27 7.56 -6.68
N LEU B 6 -1.03 7.09 -6.52
CA LEU B 6 -0.05 7.72 -5.62
C LEU B 6 1.25 7.92 -6.39
N PRO B 7 2.02 8.95 -6.03
CA PRO B 7 3.23 9.35 -6.77
C PRO B 7 4.36 8.32 -6.74
N PHE B 8 4.22 7.30 -5.90
CA PHE B 8 5.28 6.31 -5.71
C PHE B 8 4.94 5.00 -6.41
N LEU A 1 7.39 -1.39 10.62
CA LEU A 1 6.09 -1.43 9.92
C LEU A 1 5.17 -2.45 10.58
N PRO A 2 3.96 -2.02 10.99
CA PRO A 2 2.95 -2.90 11.58
C PRO A 2 2.60 -4.07 10.66
N PRO A 3 2.57 -5.30 11.22
CA PRO A 3 2.26 -6.52 10.47
C PRO A 3 1.00 -6.44 9.62
N GLY A 4 0.05 -5.61 10.06
CA GLY A 4 -1.21 -5.45 9.36
C GLY A 4 -1.05 -4.89 7.95
N TRP A 5 0.15 -4.43 7.62
CA TRP A 5 0.44 -3.94 6.27
C TRP A 5 0.93 -5.08 5.38
N GLU A 6 0.15 -5.36 4.35
CA GLU A 6 0.44 -6.46 3.41
C GLU A 6 1.17 -5.93 2.20
N LYS A 7 2.00 -6.76 1.60
CA LYS A 7 2.69 -6.38 0.39
C LYS A 7 1.91 -6.84 -0.84
N ARG A 8 1.24 -5.88 -1.47
CA ARG A 8 0.40 -6.16 -2.61
C ARG A 8 0.89 -5.38 -3.82
N MET A 9 0.67 -5.92 -5.01
CA MET A 9 1.16 -5.29 -6.22
C MET A 9 0.12 -4.32 -6.77
N SER A 10 0.59 -3.11 -7.07
CA SER A 10 -0.25 -2.07 -7.63
C SER A 10 -0.22 -2.15 -9.14
N ARG A 11 -1.40 -2.10 -9.74
CA ARG A 11 -1.58 -2.38 -11.15
C ARG A 11 -1.00 -1.30 -12.06
N SER A 12 -0.89 -0.09 -11.55
CA SER A 12 -0.48 1.04 -12.38
C SER A 12 0.99 0.94 -12.77
N SER A 13 1.88 1.11 -11.81
CA SER A 13 3.31 1.07 -12.10
C SER A 13 3.88 -0.34 -11.95
N GLY A 14 3.07 -1.25 -11.42
CA GLY A 14 3.58 -2.59 -11.13
C GLY A 14 4.53 -2.58 -9.97
N ARG A 15 4.10 -1.96 -8.88
CA ARG A 15 4.97 -1.70 -7.72
C ARG A 15 4.38 -2.32 -6.47
N VAL A 16 5.24 -2.71 -5.53
CA VAL A 16 4.77 -3.38 -4.34
C VAL A 16 4.44 -2.38 -3.25
N TYR A 17 3.19 -1.97 -3.25
CA TYR A 17 2.67 -1.01 -2.30
C TYR A 17 2.15 -1.72 -1.07
N TYR A 18 2.21 -1.05 0.06
CA TYR A 18 1.79 -1.64 1.31
C TYR A 18 0.30 -1.37 1.53
N PHE A 19 -0.50 -2.43 1.46
CA PHE A 19 -1.93 -2.34 1.68
C PHE A 19 -2.27 -2.72 3.11
N ASN A 20 -2.85 -1.81 3.85
CA ASN A 20 -3.22 -2.09 5.23
C ASN A 20 -4.74 -2.21 5.36
N HIS A 21 -5.20 -3.22 6.08
CA HIS A 21 -6.64 -3.42 6.25
C HIS A 21 -7.10 -3.17 7.68
N ILE A 22 -6.21 -2.71 8.56
CA ILE A 22 -6.64 -2.31 9.90
C ILE A 22 -7.21 -0.89 9.82
N THR A 23 -6.52 -0.04 9.07
CA THR A 23 -7.03 1.28 8.72
C THR A 23 -7.82 1.18 7.40
N ASN A 24 -7.52 0.13 6.62
CA ASN A 24 -8.13 -0.10 5.29
C ASN A 24 -7.55 0.90 4.28
N ALA A 25 -6.33 1.35 4.55
CA ALA A 25 -5.67 2.31 3.68
C ALA A 25 -4.66 1.63 2.76
N SER A 26 -4.66 2.03 1.50
CA SER A 26 -3.74 1.48 0.51
C SER A 26 -2.65 2.50 0.18
N GLN A 27 -1.40 2.17 0.52
CA GLN A 27 -0.31 3.14 0.43
C GLN A 27 0.83 2.67 -0.47
N TRP A 28 1.15 3.48 -1.47
CA TRP A 28 2.33 3.28 -2.30
C TRP A 28 3.55 3.79 -1.57
N GLU A 29 3.47 5.06 -1.21
CA GLU A 29 4.54 5.75 -0.54
C GLU A 29 4.65 5.22 0.89
N ARG A 30 5.80 5.40 1.53
CA ARG A 30 6.12 4.65 2.75
C ARG A 30 5.26 5.06 3.94
N PRO A 31 4.45 4.12 4.46
CA PRO A 31 3.52 4.35 5.58
C PRO A 31 4.19 4.99 6.79
N SER A 32 5.27 4.37 7.26
CA SER A 32 5.97 4.83 8.43
C SER A 32 7.45 4.46 8.32
N GLY A 33 7.82 3.33 8.93
CA GLY A 33 9.18 2.86 8.84
C GLY A 33 9.22 1.36 8.71
N ARG B 1 -6.38 -4.51 -10.03
CA ARG B 1 -7.84 -4.34 -10.12
C ARG B 1 -8.28 -3.24 -9.18
N ILE B 2 -7.80 -3.31 -7.95
CA ILE B 2 -7.94 -2.20 -7.02
C ILE B 2 -6.58 -1.55 -6.86
N PRO B 4 -4.44 1.93 -6.21
CA PRO B 4 -4.38 3.25 -5.55
C PRO B 4 -3.65 4.31 -6.32
N PRO B 5 -4.19 5.48 -6.18
CA PRO B 5 -3.50 6.76 -6.39
C PRO B 5 -2.49 7.02 -5.27
N LEU B 6 -1.25 7.39 -5.60
CA LEU B 6 -0.24 7.67 -4.57
C LEU B 6 -0.57 8.96 -3.85
N PRO B 7 -0.17 9.01 -2.60
CA PRO B 7 -0.35 10.15 -1.69
C PRO B 7 0.23 11.46 -2.23
N PHE B 8 0.99 11.36 -3.33
CA PHE B 8 1.57 12.53 -3.96
C PHE B 8 0.57 13.12 -4.96
N LEU A 1 4.90 -2.09 12.42
CA LEU A 1 3.60 -2.22 11.72
C LEU A 1 3.56 -3.27 10.57
N PRO A 2 4.71 -3.85 10.09
CA PRO A 2 4.69 -4.84 8.99
C PRO A 2 3.66 -5.99 9.12
N PRO A 3 3.41 -6.55 10.33
CA PRO A 3 2.39 -7.60 10.51
C PRO A 3 1.01 -7.18 10.02
N GLY A 4 0.71 -5.89 10.09
CA GLY A 4 -0.61 -5.41 9.70
C GLY A 4 -0.63 -4.86 8.29
N TRP A 5 0.54 -4.70 7.70
CA TRP A 5 0.65 -4.13 6.36
C TRP A 5 1.16 -5.17 5.37
N GLU A 6 0.39 -5.38 4.33
CA GLU A 6 0.66 -6.43 3.34
C GLU A 6 1.56 -5.91 2.22
N LYS A 7 2.45 -6.75 1.76
CA LYS A 7 3.22 -6.44 0.58
C LYS A 7 2.49 -6.94 -0.66
N ARG A 8 1.73 -6.04 -1.25
CA ARG A 8 0.89 -6.33 -2.39
C ARG A 8 1.37 -5.52 -3.59
N MET A 9 1.17 -6.06 -4.78
CA MET A 9 1.68 -5.42 -5.98
C MET A 9 0.65 -4.43 -6.54
N SER A 10 1.17 -3.29 -6.93
CA SER A 10 0.36 -2.19 -7.42
C SER A 10 0.20 -2.32 -8.90
N ARG A 11 -1.03 -2.12 -9.34
CA ARG A 11 -1.50 -2.58 -10.63
C ARG A 11 -0.87 -1.84 -11.80
N SER A 12 -1.25 -0.58 -11.98
CA SER A 12 -0.86 0.16 -13.17
C SER A 12 0.63 0.52 -13.19
N SER A 13 1.16 0.94 -12.05
CA SER A 13 2.53 1.44 -12.01
C SER A 13 3.56 0.34 -11.73
N GLY A 14 3.09 -0.81 -11.27
CA GLY A 14 4.02 -1.88 -10.91
C GLY A 14 4.87 -1.54 -9.70
N ARG A 15 4.22 -1.27 -8.58
CA ARG A 15 4.92 -0.78 -7.37
C ARG A 15 4.63 -1.68 -6.17
N VAL A 16 5.56 -1.77 -5.24
CA VAL A 16 5.30 -2.56 -4.04
C VAL A 16 4.67 -1.68 -2.96
N TYR A 17 3.35 -1.61 -2.96
CA TYR A 17 2.63 -0.75 -2.03
C TYR A 17 2.25 -1.55 -0.79
N TYR A 18 2.19 -0.88 0.34
CA TYR A 18 1.79 -1.50 1.58
C TYR A 18 0.28 -1.37 1.79
N PHE A 19 -0.45 -2.47 1.65
CA PHE A 19 -1.90 -2.45 1.86
C PHE A 19 -2.23 -2.85 3.31
N ASN A 20 -2.86 -1.96 4.04
CA ASN A 20 -3.24 -2.26 5.42
C ASN A 20 -4.73 -2.53 5.52
N HIS A 21 -5.11 -3.61 6.21
CA HIS A 21 -6.53 -3.94 6.33
C HIS A 21 -7.09 -3.71 7.73
N ILE A 22 -6.25 -3.28 8.68
CA ILE A 22 -6.79 -2.94 9.99
C ILE A 22 -7.49 -1.59 9.91
N THR A 23 -6.86 -0.65 9.24
CA THR A 23 -7.49 0.62 8.90
C THR A 23 -8.18 0.52 7.53
N ASN A 24 -7.85 -0.54 6.78
CA ASN A 24 -8.38 -0.75 5.42
C ASN A 24 -7.82 0.29 4.45
N ALA A 25 -6.67 0.85 4.82
CA ALA A 25 -6.03 1.88 4.03
C ALA A 25 -4.98 1.29 3.10
N SER A 26 -5.11 1.57 1.82
CA SER A 26 -4.15 1.12 0.83
C SER A 26 -3.12 2.22 0.55
N GLN A 27 -1.89 2.01 1.01
CA GLN A 27 -0.84 3.00 0.84
C GLN A 27 0.25 2.52 -0.10
N TRP A 28 0.74 3.42 -0.91
CA TRP A 28 1.90 3.17 -1.76
C TRP A 28 3.08 3.88 -1.16
N GLU A 29 2.73 4.94 -0.46
CA GLU A 29 3.68 5.80 0.19
C GLU A 29 4.01 5.17 1.55
N ARG A 30 5.19 5.46 2.07
CA ARG A 30 5.69 4.71 3.23
C ARG A 30 4.89 5.02 4.49
N PRO A 31 4.32 3.98 5.10
CA PRO A 31 3.36 4.11 6.21
C PRO A 31 3.90 4.85 7.43
N SER A 32 5.20 4.77 7.66
CA SER A 32 5.79 5.41 8.84
C SER A 32 6.58 6.66 8.44
N GLY A 33 6.60 6.97 7.15
CA GLY A 33 7.38 8.08 6.68
C GLY A 33 8.87 7.76 6.67
N ARG B 1 -8.73 -4.02 -9.62
CA ARG B 1 -9.61 -2.86 -9.89
C ARG B 1 -9.55 -1.85 -8.75
N ILE B 2 -8.96 -2.24 -7.62
CA ILE B 2 -8.79 -1.32 -6.51
C ILE B 2 -7.36 -0.83 -6.48
N PRO B 4 -4.91 2.69 -5.95
CA PRO B 4 -4.59 4.05 -5.52
C PRO B 4 -3.55 4.75 -6.37
N PRO B 5 -3.97 5.88 -6.85
CA PRO B 5 -3.09 6.90 -7.44
C PRO B 5 -2.30 7.66 -6.36
N LEU B 6 -1.03 7.29 -6.14
CA LEU B 6 -0.20 7.92 -5.09
C LEU B 6 1.08 8.47 -5.68
N PRO B 7 1.49 9.66 -5.22
CA PRO B 7 2.62 10.39 -5.79
C PRO B 7 3.98 9.86 -5.35
N PHE B 8 3.97 8.98 -4.36
CA PHE B 8 5.21 8.45 -3.80
C PHE B 8 5.60 7.14 -4.49
N LEU A 1 6.48 -1.04 11.49
CA LEU A 1 5.24 -1.86 11.58
C LEU A 1 5.02 -2.77 10.35
N PRO A 2 6.08 -3.28 9.66
CA PRO A 2 5.89 -4.14 8.48
C PRO A 2 5.05 -5.42 8.72
N PRO A 3 5.13 -6.09 9.91
CA PRO A 3 4.30 -7.29 10.19
C PRO A 3 2.81 -7.00 10.08
N GLY A 4 2.42 -5.76 10.36
CA GLY A 4 1.00 -5.41 10.35
C GLY A 4 0.46 -5.22 8.96
N TRP A 5 1.19 -4.48 8.13
CA TRP A 5 0.73 -4.10 6.80
C TRP A 5 1.12 -5.13 5.75
N GLU A 6 0.24 -5.39 4.80
CA GLU A 6 0.50 -6.37 3.75
C GLU A 6 1.19 -5.74 2.55
N LYS A 7 2.05 -6.51 1.92
CA LYS A 7 2.67 -6.10 0.67
C LYS A 7 1.79 -6.55 -0.48
N ARG A 8 1.12 -5.58 -1.06
CA ARG A 8 0.15 -5.82 -2.10
C ARG A 8 0.61 -5.13 -3.38
N MET A 9 0.26 -5.67 -4.53
CA MET A 9 0.85 -5.24 -5.79
C MET A 9 0.06 -4.10 -6.43
N SER A 10 0.81 -3.09 -6.87
CA SER A 10 0.26 -1.95 -7.58
C SER A 10 0.27 -2.28 -9.06
N ARG A 11 -0.88 -2.09 -9.69
CA ARG A 11 -1.14 -2.65 -10.99
C ARG A 11 -0.30 -2.00 -12.10
N SER A 12 -0.60 -0.75 -12.42
CA SER A 12 0.03 -0.10 -13.57
C SER A 12 1.50 0.21 -13.33
N SER A 13 1.87 0.45 -12.09
CA SER A 13 3.24 0.86 -11.78
C SER A 13 4.15 -0.34 -11.50
N GLY A 14 3.56 -1.48 -11.15
CA GLY A 14 4.35 -2.62 -10.74
C GLY A 14 5.11 -2.33 -9.46
N ARG A 15 4.41 -1.80 -8.47
CA ARG A 15 5.03 -1.34 -7.22
C ARG A 15 4.53 -2.13 -6.03
N VAL A 16 5.35 -2.29 -5.01
CA VAL A 16 4.89 -2.90 -3.78
C VAL A 16 4.34 -1.86 -2.81
N TYR A 17 3.04 -1.60 -2.92
CA TYR A 17 2.40 -0.60 -2.08
C TYR A 17 1.89 -1.27 -0.80
N TYR A 18 1.85 -0.51 0.29
CA TYR A 18 1.44 -1.07 1.55
C TYR A 18 -0.08 -0.93 1.73
N PHE A 19 -0.76 -2.05 1.68
CA PHE A 19 -2.19 -2.10 1.97
C PHE A 19 -2.34 -2.62 3.38
N ASN A 20 -3.30 -2.11 4.14
CA ASN A 20 -3.62 -2.73 5.41
C ASN A 20 -5.09 -2.53 5.76
N HIS A 21 -5.83 -3.63 5.83
CA HIS A 21 -7.28 -3.55 6.04
C HIS A 21 -7.64 -3.44 7.52
N ILE A 22 -6.65 -3.36 8.41
CA ILE A 22 -6.97 -3.05 9.80
C ILE A 22 -7.42 -1.59 9.88
N THR A 23 -6.72 -0.74 9.13
CA THR A 23 -7.16 0.63 8.92
C THR A 23 -8.05 0.70 7.67
N ASN A 24 -7.90 -0.32 6.82
CA ASN A 24 -8.65 -0.41 5.54
C ASN A 24 -8.10 0.61 4.55
N ALA A 25 -6.93 1.14 4.88
CA ALA A 25 -6.29 2.15 4.06
C ALA A 25 -5.36 1.51 3.04
N SER A 26 -5.21 2.17 1.91
CA SER A 26 -4.33 1.71 0.85
C SER A 26 -3.23 2.75 0.64
N GLN A 27 -2.01 2.43 1.05
CA GLN A 27 -0.96 3.43 1.09
C GLN A 27 0.27 3.02 0.30
N TRP A 28 0.39 3.56 -0.91
CA TRP A 28 1.62 3.50 -1.67
C TRP A 28 2.63 4.38 -1.00
N GLU A 29 2.10 5.51 -0.55
CA GLU A 29 2.84 6.48 0.20
C GLU A 29 3.13 5.89 1.58
N ARG A 30 4.30 6.20 2.12
CA ARG A 30 4.83 5.43 3.25
C ARG A 30 4.03 5.67 4.54
N PRO A 31 3.56 4.58 5.18
CA PRO A 31 2.80 4.65 6.43
C PRO A 31 3.61 5.31 7.55
N SER A 32 4.86 4.92 7.65
CA SER A 32 5.80 5.42 8.64
C SER A 32 7.12 4.68 8.49
N GLY A 33 7.17 3.49 9.07
CA GLY A 33 8.35 2.65 8.94
C GLY A 33 8.28 1.47 9.90
N ARG B 1 -11.04 -2.90 -11.34
CA ARG B 1 -9.69 -2.98 -10.73
C ARG B 1 -9.57 -1.98 -9.58
N ILE B 2 -8.75 -2.30 -8.60
CA ILE B 2 -8.56 -1.40 -7.46
C ILE B 2 -7.12 -0.96 -7.38
N PRO B 4 -4.90 2.55 -6.41
CA PRO B 4 -4.73 3.90 -5.86
C PRO B 4 -3.74 4.74 -6.62
N PRO B 5 -4.27 5.82 -7.12
CA PRO B 5 -3.48 6.93 -7.67
C PRO B 5 -2.76 7.70 -6.56
N LEU B 6 -1.47 7.42 -6.35
CA LEU B 6 -0.70 8.07 -5.30
C LEU B 6 0.59 8.64 -5.88
N PRO B 7 0.93 9.88 -5.50
CA PRO B 7 2.05 10.61 -6.08
C PRO B 7 3.40 10.23 -5.46
N PHE B 8 3.35 9.46 -4.39
CA PHE B 8 4.57 9.08 -3.68
C PHE B 8 4.94 7.64 -3.96
N LEU A 1 6.07 -3.34 11.98
CA LEU A 1 4.77 -2.85 11.49
C LEU A 1 3.67 -3.86 11.80
N PRO A 2 2.44 -3.38 12.05
CA PRO A 2 1.28 -4.24 12.27
C PRO A 2 1.08 -5.24 11.13
N PRO A 3 0.63 -6.46 11.46
CA PRO A 3 0.35 -7.52 10.47
C PRO A 3 -0.53 -7.02 9.32
N GLY A 4 -1.36 -6.04 9.63
CA GLY A 4 -2.26 -5.48 8.63
C GLY A 4 -1.55 -4.81 7.45
N TRP A 5 -0.24 -4.61 7.56
CA TRP A 5 0.54 -4.05 6.46
C TRP A 5 1.07 -5.16 5.57
N GLU A 6 0.53 -5.24 4.36
CA GLU A 6 0.96 -6.22 3.38
C GLU A 6 1.60 -5.52 2.21
N LYS A 7 2.67 -6.07 1.69
CA LYS A 7 3.26 -5.51 0.49
C LYS A 7 2.64 -6.14 -0.73
N ARG A 8 1.69 -5.40 -1.27
CA ARG A 8 0.81 -5.88 -2.32
C ARG A 8 1.22 -5.22 -3.64
N MET A 9 0.99 -5.91 -4.74
CA MET A 9 1.44 -5.42 -6.04
C MET A 9 0.37 -4.54 -6.67
N SER A 10 0.77 -3.34 -7.04
CA SER A 10 -0.14 -2.36 -7.62
C SER A 10 -0.16 -2.52 -9.13
N ARG A 11 -1.38 -2.57 -9.65
CA ARG A 11 -1.62 -2.93 -11.04
C ARG A 11 -1.15 -1.88 -12.02
N SER A 12 -1.31 -0.62 -11.66
CA SER A 12 -1.08 0.47 -12.60
C SER A 12 0.39 0.64 -12.94
N SER A 13 1.21 0.98 -11.95
CA SER A 13 2.62 1.24 -12.19
C SER A 13 3.48 -0.03 -12.04
N GLY A 14 2.86 -1.10 -11.54
CA GLY A 14 3.60 -2.33 -11.31
C GLY A 14 4.61 -2.16 -10.19
N ARG A 15 4.11 -1.83 -9.01
CA ARG A 15 4.98 -1.47 -7.88
C ARG A 15 4.50 -2.14 -6.60
N VAL A 16 5.42 -2.43 -5.69
CA VAL A 16 5.06 -3.06 -4.44
C VAL A 16 4.73 -2.01 -3.39
N TYR A 17 3.44 -1.81 -3.20
CA TYR A 17 2.94 -0.78 -2.30
C TYR A 17 2.46 -1.41 -1.01
N TYR A 18 2.55 -0.66 0.06
CA TYR A 18 2.20 -1.16 1.38
C TYR A 18 0.70 -0.93 1.63
N PHE A 19 -0.08 -1.98 1.46
CA PHE A 19 -1.52 -1.94 1.70
C PHE A 19 -1.80 -2.36 3.14
N ASN A 20 -2.42 -1.48 3.92
CA ASN A 20 -2.75 -1.83 5.28
C ASN A 20 -4.26 -1.89 5.44
N HIS A 21 -4.76 -2.99 5.98
CA HIS A 21 -6.21 -3.16 6.15
C HIS A 21 -6.65 -2.92 7.59
N ILE A 22 -5.75 -2.43 8.43
CA ILE A 22 -6.15 -1.99 9.76
C ILE A 22 -6.92 -0.69 9.59
N THR A 23 -6.32 0.22 8.85
CA THR A 23 -6.96 1.45 8.47
C THR A 23 -7.70 1.27 7.13
N ASN A 24 -7.30 0.22 6.40
CA ASN A 24 -7.86 -0.09 5.07
C ASN A 24 -7.33 0.89 4.03
N ALA A 25 -6.25 1.57 4.39
CA ALA A 25 -5.63 2.56 3.53
C ALA A 25 -4.58 1.91 2.64
N SER A 26 -4.54 2.32 1.39
CA SER A 26 -3.59 1.80 0.43
C SER A 26 -2.48 2.81 0.18
N GLN A 27 -1.27 2.50 0.63
CA GLN A 27 -0.17 3.45 0.56
C GLN A 27 0.96 2.93 -0.32
N TRP A 28 1.13 3.54 -1.49
CA TRP A 28 2.30 3.27 -2.33
C TRP A 28 3.52 3.84 -1.67
N GLU A 29 3.30 4.98 -1.06
CA GLU A 29 4.34 5.71 -0.40
C GLU A 29 4.66 4.99 0.92
N ARG A 30 5.91 5.08 1.34
CA ARG A 30 6.42 4.24 2.42
C ARG A 30 5.80 4.63 3.77
N PRO A 31 5.26 3.63 4.52
CA PRO A 31 4.56 3.85 5.79
C PRO A 31 5.37 4.71 6.77
N SER A 32 6.66 4.42 6.89
CA SER A 32 7.52 5.13 7.81
C SER A 32 8.97 5.05 7.34
N GLY A 33 9.64 6.20 7.32
CA GLY A 33 11.03 6.23 6.96
C GLY A 33 11.84 7.02 7.96
N ARG B 1 -9.29 -5.85 -10.21
CA ARG B 1 -8.96 -4.44 -10.53
C ARG B 1 -9.03 -3.57 -9.28
N ILE B 2 -7.93 -3.53 -8.54
CA ILE B 2 -7.83 -2.67 -7.37
C ILE B 2 -6.46 -2.04 -7.29
N PRO B 4 -4.53 1.65 -6.33
CA PRO B 4 -4.48 2.96 -5.66
C PRO B 4 -3.70 4.01 -6.39
N PRO B 5 -4.23 5.21 -6.25
CA PRO B 5 -3.49 6.47 -6.39
C PRO B 5 -2.53 6.67 -5.19
N LEU B 6 -1.36 7.27 -5.42
CA LEU B 6 -0.40 7.46 -4.33
C LEU B 6 -0.80 8.66 -3.49
N PRO B 7 -0.73 8.45 -2.18
CA PRO B 7 -1.21 9.40 -1.14
C PRO B 7 -0.61 10.81 -1.23
N PHE B 8 0.41 11.00 -2.05
CA PHE B 8 1.03 12.31 -2.21
C PHE B 8 0.77 12.87 -3.61
N LEU A 1 6.76 -2.73 12.88
CA LEU A 1 5.75 -2.51 11.84
C LEU A 1 4.66 -3.58 11.92
N PRO A 2 3.39 -3.16 12.04
CA PRO A 2 2.25 -4.08 12.13
C PRO A 2 2.20 -5.10 10.98
N PRO A 3 1.97 -6.38 11.33
CA PRO A 3 1.83 -7.46 10.34
C PRO A 3 0.72 -7.18 9.33
N GLY A 4 -0.29 -6.44 9.78
CA GLY A 4 -1.43 -6.09 8.96
C GLY A 4 -1.07 -5.35 7.68
N TRP A 5 0.19 -4.92 7.55
CA TRP A 5 0.64 -4.26 6.33
C TRP A 5 1.18 -5.29 5.35
N GLU A 6 0.38 -5.55 4.34
CA GLU A 6 0.65 -6.59 3.35
C GLU A 6 1.45 -6.00 2.20
N LYS A 7 2.30 -6.81 1.61
CA LYS A 7 3.10 -6.35 0.49
C LYS A 7 2.44 -6.79 -0.81
N ARG A 8 1.72 -5.86 -1.42
CA ARG A 8 0.88 -6.13 -2.57
C ARG A 8 1.40 -5.37 -3.78
N MET A 9 1.18 -5.91 -4.97
CA MET A 9 1.71 -5.31 -6.19
C MET A 9 0.72 -4.30 -6.74
N SER A 10 1.23 -3.12 -7.04
CA SER A 10 0.44 -1.97 -7.42
C SER A 10 0.24 -1.93 -8.92
N ARG A 11 -1.02 -1.88 -9.32
CA ARG A 11 -1.44 -2.06 -10.70
C ARG A 11 -1.05 -0.88 -11.60
N SER A 12 -0.94 0.30 -11.02
CA SER A 12 -0.74 1.51 -11.82
C SER A 12 0.74 1.73 -12.14
N SER A 13 1.53 2.04 -11.12
CA SER A 13 2.92 2.43 -11.31
C SER A 13 3.86 1.22 -11.29
N GLY A 14 3.34 0.06 -10.90
CA GLY A 14 4.20 -1.11 -10.74
C GLY A 14 5.00 -1.01 -9.46
N ARG A 15 4.29 -0.92 -8.36
CA ARG A 15 4.90 -0.54 -7.07
C ARG A 15 4.65 -1.58 -5.98
N VAL A 16 5.55 -1.71 -5.03
CA VAL A 16 5.26 -2.59 -3.90
C VAL A 16 4.55 -1.76 -2.83
N TYR A 17 3.22 -1.76 -2.89
CA TYR A 17 2.46 -0.94 -1.98
C TYR A 17 2.02 -1.77 -0.77
N TYR A 18 2.01 -1.13 0.37
CA TYR A 18 1.66 -1.77 1.61
C TYR A 18 0.15 -1.66 1.84
N PHE A 19 -0.56 -2.75 1.61
CA PHE A 19 -2.00 -2.77 1.83
C PHE A 19 -2.29 -3.23 3.26
N ASN A 20 -2.79 -2.34 4.09
CA ASN A 20 -3.14 -2.69 5.46
C ASN A 20 -4.65 -2.85 5.61
N HIS A 21 -5.10 -3.99 6.12
CA HIS A 21 -6.54 -4.20 6.27
C HIS A 21 -7.00 -4.12 7.73
N ILE A 22 -6.17 -3.59 8.62
CA ILE A 22 -6.66 -3.32 9.97
C ILE A 22 -7.38 -1.97 9.97
N THR A 23 -6.74 -0.96 9.39
CA THR A 23 -7.40 0.31 9.14
C THR A 23 -8.06 0.32 7.76
N ASN A 24 -7.75 -0.69 6.94
CA ASN A 24 -8.22 -0.77 5.54
C ASN A 24 -7.73 0.44 4.77
N ALA A 25 -6.42 0.57 4.71
CA ALA A 25 -5.78 1.65 3.98
C ALA A 25 -4.63 1.11 3.14
N SER A 26 -4.67 1.39 1.86
CA SER A 26 -3.65 0.95 0.93
C SER A 26 -2.61 2.06 0.74
N GLN A 27 -1.38 1.80 1.14
CA GLN A 27 -0.35 2.83 1.11
C GLN A 27 0.84 2.44 0.25
N TRP A 28 0.90 2.99 -0.94
CA TRP A 28 2.08 2.89 -1.79
C TRP A 28 3.16 3.72 -1.17
N GLU A 29 2.72 4.88 -0.72
CA GLU A 29 3.55 5.82 -0.04
C GLU A 29 3.90 5.24 1.33
N ARG A 30 5.02 5.66 1.89
CA ARG A 30 5.61 4.97 3.03
C ARG A 30 4.75 5.17 4.29
N PRO A 31 4.39 4.05 4.96
CA PRO A 31 3.58 4.07 6.19
C PRO A 31 4.19 4.97 7.25
N SER A 32 5.51 5.00 7.28
CA SER A 32 6.24 5.88 8.16
C SER A 32 7.37 6.52 7.36
N GLY A 33 7.23 7.81 7.08
CA GLY A 33 8.18 8.53 6.25
C GLY A 33 9.60 8.42 6.74
N ARG B 1 -8.99 -1.78 -11.11
CA ARG B 1 -10.19 -1.98 -10.27
C ARG B 1 -9.95 -1.42 -8.88
N ILE B 2 -9.23 -2.17 -8.05
CA ILE B 2 -8.86 -1.67 -6.73
C ILE B 2 -7.39 -1.28 -6.69
N PRO B 4 -4.99 2.35 -5.72
CA PRO B 4 -4.72 3.71 -5.26
C PRO B 4 -3.78 4.48 -6.16
N PRO B 5 -4.30 5.60 -6.60
CA PRO B 5 -3.51 6.64 -7.24
C PRO B 5 -2.61 7.35 -6.22
N LEU B 6 -1.34 6.98 -6.18
CA LEU B 6 -0.36 7.61 -5.28
C LEU B 6 0.82 8.10 -6.10
N PRO B 7 1.43 9.23 -5.71
CA PRO B 7 2.41 9.98 -6.54
C PRO B 7 3.69 9.22 -6.89
N PHE B 8 3.91 8.06 -6.28
CA PHE B 8 5.15 7.31 -6.49
C PHE B 8 5.10 6.48 -7.78
N LEU A 1 2.52 -3.25 13.32
CA LEU A 1 2.45 -2.67 11.97
C LEU A 1 2.57 -3.75 10.88
N PRO A 2 3.71 -4.48 10.80
CA PRO A 2 3.93 -5.52 9.77
C PRO A 2 2.75 -6.47 9.51
N PRO A 3 2.07 -7.04 10.54
CA PRO A 3 0.91 -7.93 10.33
C PRO A 3 -0.23 -7.26 9.56
N GLY A 4 -0.35 -5.95 9.70
CA GLY A 4 -1.45 -5.23 9.08
C GLY A 4 -1.05 -4.57 7.77
N TRP A 5 0.18 -4.08 7.71
CA TRP A 5 0.70 -3.46 6.50
C TRP A 5 1.42 -4.51 5.64
N GLU A 6 0.77 -4.88 4.56
CA GLU A 6 1.21 -5.96 3.69
C GLU A 6 1.88 -5.41 2.44
N LYS A 7 2.81 -6.16 1.90
CA LYS A 7 3.46 -5.77 0.67
C LYS A 7 2.70 -6.34 -0.52
N ARG A 8 2.01 -5.45 -1.20
CA ARG A 8 1.19 -5.81 -2.34
C ARG A 8 1.57 -4.91 -3.52
N MET A 9 1.48 -5.44 -4.73
CA MET A 9 1.89 -4.69 -5.90
C MET A 9 0.73 -3.89 -6.50
N SER A 10 1.03 -2.67 -6.90
CA SER A 10 0.07 -1.78 -7.50
C SER A 10 0.06 -1.99 -9.00
N ARG A 11 -1.13 -1.84 -9.56
CA ARG A 11 -1.49 -2.42 -10.85
C ARG A 11 -0.79 -1.78 -12.04
N SER A 12 -1.14 -0.55 -12.36
CA SER A 12 -0.65 0.09 -13.59
C SER A 12 0.77 0.63 -13.41
N SER A 13 1.18 0.81 -12.17
CA SER A 13 2.50 1.34 -11.88
C SER A 13 3.55 0.23 -11.73
N GLY A 14 3.10 -0.97 -11.38
CA GLY A 14 4.03 -2.06 -11.11
C GLY A 14 4.94 -1.72 -9.94
N ARG A 15 4.33 -1.22 -8.87
CA ARG A 15 5.07 -0.65 -7.74
C ARG A 15 4.69 -1.34 -6.44
N VAL A 16 5.60 -1.41 -5.49
CA VAL A 16 5.28 -2.04 -4.23
C VAL A 16 4.71 -1.01 -3.25
N TYR A 17 3.43 -1.17 -2.97
CA TYR A 17 2.70 -0.26 -2.11
C TYR A 17 2.29 -0.98 -0.83
N TYR A 18 2.18 -0.25 0.26
CA TYR A 18 1.87 -0.85 1.55
C TYR A 18 0.35 -0.90 1.74
N PHE A 19 -0.25 -2.07 1.57
CA PHE A 19 -1.68 -2.20 1.79
C PHE A 19 -1.96 -2.58 3.24
N ASN A 20 -2.61 -1.69 3.95
CA ASN A 20 -2.96 -1.94 5.33
C ASN A 20 -4.44 -2.29 5.42
N HIS A 21 -4.79 -3.33 6.16
CA HIS A 21 -6.21 -3.66 6.34
C HIS A 21 -6.63 -3.56 7.80
N ILE A 22 -5.74 -3.12 8.68
CA ILE A 22 -6.14 -2.84 10.05
C ILE A 22 -6.98 -1.57 10.06
N THR A 23 -6.51 -0.57 9.33
CA THR A 23 -7.27 0.62 9.06
C THR A 23 -8.08 0.44 7.76
N ASN A 24 -7.63 -0.51 6.94
CA ASN A 24 -8.19 -0.72 5.60
C ASN A 24 -7.91 0.51 4.74
N ALA A 25 -6.63 0.78 4.58
CA ALA A 25 -6.15 1.87 3.76
C ALA A 25 -4.99 1.38 2.90
N SER A 26 -5.13 1.54 1.60
CA SER A 26 -4.11 1.10 0.67
C SER A 26 -3.11 2.21 0.42
N GLN A 27 -1.98 2.15 1.11
CA GLN A 27 -1.05 3.27 1.15
C GLN A 27 0.23 2.97 0.40
N TRP A 28 0.37 3.57 -0.77
CA TRP A 28 1.62 3.55 -1.50
C TRP A 28 2.59 4.41 -0.76
N GLU A 29 2.04 5.50 -0.24
CA GLU A 29 2.76 6.43 0.56
C GLU A 29 3.02 5.78 1.92
N ARG A 30 4.29 5.63 2.26
CA ARG A 30 4.72 4.77 3.35
C ARG A 30 4.32 5.33 4.72
N PRO A 31 4.04 4.43 5.70
CA PRO A 31 3.69 4.81 7.07
C PRO A 31 4.85 5.48 7.80
N SER A 32 6.07 5.10 7.43
CA SER A 32 7.26 5.63 8.07
C SER A 32 8.48 5.37 7.19
N GLY A 33 8.68 4.12 6.80
CA GLY A 33 9.79 3.77 5.95
C GLY A 33 9.50 2.52 5.15
N ARG B 1 -8.65 -5.61 -7.81
CA ARG B 1 -8.37 -4.78 -9.01
C ARG B 1 -8.19 -3.31 -8.63
N ILE B 2 -8.26 -3.02 -7.35
CA ILE B 2 -8.25 -1.63 -6.88
C ILE B 2 -6.83 -1.08 -6.84
N PRO B 4 -4.98 2.60 -5.81
CA PRO B 4 -4.93 3.93 -5.23
C PRO B 4 -4.04 4.89 -5.98
N PRO B 5 -4.65 5.97 -6.37
CA PRO B 5 -3.96 7.13 -6.92
C PRO B 5 -3.15 7.87 -5.85
N LEU B 6 -1.84 7.62 -5.81
CA LEU B 6 -0.92 8.27 -4.85
C LEU B 6 0.29 8.80 -5.61
N PRO B 7 0.98 9.81 -5.06
CA PRO B 7 2.13 10.44 -5.72
C PRO B 7 3.37 9.55 -5.80
N PHE B 8 3.35 8.42 -5.11
CA PHE B 8 4.51 7.53 -5.06
C PHE B 8 4.38 6.41 -6.09
N LEU A 1 7.07 -2.45 12.33
CA LEU A 1 6.14 -2.42 11.19
C LEU A 1 4.94 -3.31 11.47
N PRO A 2 3.73 -2.72 11.59
CA PRO A 2 2.51 -3.47 11.91
C PRO A 2 2.19 -4.55 10.87
N PRO A 3 1.99 -5.80 11.34
CA PRO A 3 1.67 -6.94 10.48
C PRO A 3 0.49 -6.69 9.53
N GLY A 4 -0.42 -5.82 9.96
CA GLY A 4 -1.59 -5.48 9.16
C GLY A 4 -1.25 -4.89 7.80
N TRP A 5 0.01 -4.50 7.61
CA TRP A 5 0.46 -3.99 6.31
C TRP A 5 0.97 -5.15 5.45
N GLU A 6 0.23 -5.44 4.39
CA GLU A 6 0.55 -6.55 3.51
C GLU A 6 1.18 -6.04 2.21
N LYS A 7 2.03 -6.87 1.62
CA LYS A 7 2.66 -6.51 0.36
C LYS A 7 1.80 -6.98 -0.80
N ARG A 8 1.15 -6.00 -1.41
CA ARG A 8 0.28 -6.23 -2.53
C ARG A 8 0.78 -5.43 -3.73
N MET A 9 0.66 -5.99 -4.92
CA MET A 9 1.22 -5.36 -6.11
C MET A 9 0.22 -4.42 -6.77
N SER A 10 0.72 -3.26 -7.17
CA SER A 10 -0.07 -2.24 -7.82
C SER A 10 -0.04 -2.45 -9.32
N ARG A 11 -1.16 -2.13 -9.94
CA ARG A 11 -1.50 -2.57 -11.29
C ARG A 11 -0.64 -1.92 -12.38
N SER A 12 -0.84 -0.64 -12.61
CA SER A 12 -0.27 0.01 -13.78
C SER A 12 1.22 0.28 -13.65
N SER A 13 1.66 0.58 -12.43
CA SER A 13 3.07 0.89 -12.21
C SER A 13 3.87 -0.37 -11.88
N GLY A 14 3.17 -1.45 -11.57
CA GLY A 14 3.83 -2.71 -11.22
C GLY A 14 4.75 -2.55 -10.02
N ARG A 15 4.19 -2.10 -8.91
CA ARG A 15 5.01 -1.73 -7.74
C ARG A 15 4.47 -2.38 -6.47
N VAL A 16 5.34 -2.66 -5.51
CA VAL A 16 4.87 -3.26 -4.26
C VAL A 16 4.50 -2.17 -3.27
N TYR A 17 3.21 -1.92 -3.17
CA TYR A 17 2.67 -0.96 -2.25
C TYR A 17 2.14 -1.69 -1.03
N TYR A 18 2.19 -1.03 0.11
CA TYR A 18 1.76 -1.66 1.34
C TYR A 18 0.27 -1.43 1.54
N PHE A 19 -0.50 -2.49 1.37
CA PHE A 19 -1.93 -2.43 1.60
C PHE A 19 -2.24 -2.85 3.03
N ASN A 20 -2.81 -1.94 3.80
CA ASN A 20 -3.13 -2.20 5.19
C ASN A 20 -4.64 -2.20 5.39
N HIS A 21 -5.21 -3.34 5.73
CA HIS A 21 -6.67 -3.44 5.84
C HIS A 21 -7.18 -3.24 7.27
N ILE A 22 -6.29 -2.94 8.21
CA ILE A 22 -6.77 -2.54 9.53
C ILE A 22 -7.25 -1.10 9.47
N THR A 23 -6.51 -0.28 8.74
CA THR A 23 -6.93 1.08 8.41
C THR A 23 -7.70 1.10 7.09
N ASN A 24 -7.53 0.04 6.28
CA ASN A 24 -8.13 -0.06 4.94
C ASN A 24 -7.44 0.90 3.97
N ALA A 25 -6.32 1.44 4.42
CA ALA A 25 -5.55 2.38 3.63
C ALA A 25 -4.51 1.64 2.79
N SER A 26 -4.38 2.07 1.54
CA SER A 26 -3.41 1.48 0.63
C SER A 26 -2.30 2.48 0.34
N GLN A 27 -1.10 2.19 0.82
CA GLN A 27 0.00 3.15 0.77
C GLN A 27 1.13 2.69 -0.13
N TRP A 28 1.29 3.38 -1.25
CA TRP A 28 2.42 3.15 -2.13
C TRP A 28 3.69 3.65 -1.48
N GLU A 29 3.54 4.78 -0.83
CA GLU A 29 4.64 5.45 -0.21
C GLU A 29 4.87 4.83 1.18
N ARG A 30 6.06 5.02 1.74
CA ARG A 30 6.50 4.23 2.90
C ARG A 30 5.72 4.59 4.17
N PRO A 31 5.08 3.57 4.78
CA PRO A 31 4.23 3.75 5.98
C PRO A 31 4.98 4.30 7.19
N SER A 32 6.26 3.99 7.27
CA SER A 32 7.05 4.35 8.44
C SER A 32 7.81 5.65 8.25
N GLY A 33 7.65 6.27 7.09
CA GLY A 33 8.35 7.52 6.81
C GLY A 33 9.76 7.27 6.30
N ARG B 1 -10.15 -4.50 -10.26
CA ARG B 1 -8.86 -4.40 -9.55
C ARG B 1 -8.60 -2.96 -9.14
N ILE B 2 -8.60 -2.72 -7.84
CA ILE B 2 -8.33 -1.39 -7.31
C ILE B 2 -6.84 -1.11 -7.32
N PRO B 4 -4.43 2.12 -6.00
CA PRO B 4 -4.30 3.36 -5.22
C PRO B 4 -3.53 4.46 -5.90
N PRO B 5 -4.11 5.63 -5.77
CA PRO B 5 -3.43 6.91 -5.96
C PRO B 5 -2.43 7.17 -4.82
N LEU B 6 -1.16 7.43 -5.15
CA LEU B 6 -0.17 7.75 -4.12
C LEU B 6 -0.49 9.09 -3.53
N PRO B 7 -0.29 9.17 -2.23
CA PRO B 7 -0.63 10.35 -1.41
C PRO B 7 0.02 11.65 -1.90
N PHE B 8 0.93 11.53 -2.86
CA PHE B 8 1.53 12.70 -3.50
C PHE B 8 1.23 12.66 -5.00
N LEU A 1 4.71 -3.31 11.92
CA LEU A 1 3.49 -3.00 11.13
C LEU A 1 3.13 -4.07 10.07
N PRO A 2 4.07 -4.91 9.55
CA PRO A 2 3.75 -5.96 8.55
C PRO A 2 2.50 -6.83 8.86
N PRO A 3 2.20 -7.18 10.13
CA PRO A 3 0.96 -7.89 10.48
C PRO A 3 -0.30 -7.20 9.94
N GLY A 4 -0.25 -5.89 9.81
CA GLY A 4 -1.37 -5.14 9.28
C GLY A 4 -1.09 -4.58 7.89
N TRP A 5 0.18 -4.37 7.59
CA TRP A 5 0.60 -3.83 6.31
C TRP A 5 1.15 -4.92 5.41
N GLU A 6 0.39 -5.26 4.38
CA GLU A 6 0.76 -6.26 3.39
C GLU A 6 1.51 -5.57 2.27
N LYS A 7 2.47 -6.24 1.68
CA LYS A 7 3.09 -5.72 0.47
C LYS A 7 2.41 -6.30 -0.75
N ARG A 8 1.51 -5.51 -1.31
CA ARG A 8 0.67 -5.92 -2.40
C ARG A 8 1.18 -5.32 -3.71
N MET A 9 0.95 -6.01 -4.81
CA MET A 9 1.43 -5.54 -6.10
C MET A 9 0.38 -4.64 -6.76
N SER A 10 0.82 -3.45 -7.14
CA SER A 10 -0.03 -2.44 -7.74
C SER A 10 -0.06 -2.59 -9.24
N ARG A 11 -1.20 -2.21 -9.80
CA ARG A 11 -1.62 -2.58 -11.15
C ARG A 11 -0.79 -1.93 -12.26
N SER A 12 -0.58 -0.62 -12.16
CA SER A 12 -0.01 0.13 -13.26
C SER A 12 1.46 -0.21 -13.50
N SER A 13 2.30 0.11 -12.53
CA SER A 13 3.74 -0.06 -12.68
C SER A 13 4.22 -1.43 -12.21
N GLY A 14 3.33 -2.18 -11.55
CA GLY A 14 3.72 -3.46 -10.99
C GLY A 14 4.65 -3.26 -9.81
N ARG A 15 4.17 -2.53 -8.82
CA ARG A 15 5.02 -2.10 -7.70
C ARG A 15 4.50 -2.57 -6.37
N VAL A 16 5.38 -2.79 -5.41
CA VAL A 16 4.96 -3.29 -4.11
C VAL A 16 4.62 -2.15 -3.17
N TYR A 17 3.34 -1.82 -3.16
CA TYR A 17 2.82 -0.75 -2.33
C TYR A 17 2.40 -1.33 -0.98
N TYR A 18 2.47 -0.51 0.05
CA TYR A 18 2.18 -0.97 1.39
C TYR A 18 0.70 -0.80 1.67
N PHE A 19 0.00 -1.91 1.82
CA PHE A 19 -1.46 -1.93 1.97
C PHE A 19 -1.84 -2.23 3.42
N ASN A 20 -2.60 -1.34 4.05
CA ASN A 20 -3.03 -1.55 5.43
C ASN A 20 -4.53 -1.77 5.50
N HIS A 21 -4.97 -2.94 5.96
CA HIS A 21 -6.40 -3.24 5.96
C HIS A 21 -7.10 -2.90 7.27
N ILE A 22 -6.36 -2.52 8.31
CA ILE A 22 -7.02 -2.08 9.53
C ILE A 22 -7.67 -0.73 9.30
N THR A 23 -6.94 0.15 8.61
CA THR A 23 -7.46 1.44 8.19
C THR A 23 -8.10 1.33 6.82
N ASN A 24 -7.75 0.26 6.10
CA ASN A 24 -8.20 0.03 4.73
C ASN A 24 -7.51 1.01 3.78
N ALA A 25 -6.44 1.63 4.26
CA ALA A 25 -5.69 2.59 3.49
C ALA A 25 -4.57 1.89 2.71
N SER A 26 -4.23 2.45 1.57
CA SER A 26 -3.20 1.87 0.71
C SER A 26 -2.16 2.92 0.33
N GLN A 27 -0.91 2.66 0.67
CA GLN A 27 0.14 3.65 0.47
C GLN A 27 1.27 3.12 -0.41
N TRP A 28 1.39 3.70 -1.60
CA TRP A 28 2.54 3.43 -2.47
C TRP A 28 3.77 4.07 -1.86
N GLU A 29 3.52 5.17 -1.19
CA GLU A 29 4.53 5.94 -0.52
C GLU A 29 4.63 5.44 0.93
N ARG A 30 5.77 5.62 1.56
CA ARG A 30 6.11 4.84 2.76
C ARG A 30 5.25 5.22 3.97
N PRO A 31 4.85 4.21 4.77
CA PRO A 31 3.99 4.41 5.96
C PRO A 31 4.60 5.35 6.99
N SER A 32 5.92 5.29 7.12
CA SER A 32 6.63 6.12 8.08
C SER A 32 8.13 6.10 7.78
N GLY A 33 8.69 7.27 7.52
CA GLY A 33 10.10 7.36 7.23
C GLY A 33 10.37 7.84 5.83
N ARG B 1 -9.11 -2.46 -10.97
CA ARG B 1 -9.79 -3.35 -9.99
C ARG B 1 -9.60 -2.82 -8.58
N ILE B 2 -8.51 -3.23 -7.95
CA ILE B 2 -8.13 -2.69 -6.66
C ILE B 2 -6.77 -2.03 -6.75
N PRO B 4 -4.71 1.62 -5.61
CA PRO B 4 -4.52 2.84 -4.83
C PRO B 4 -3.93 3.99 -5.59
N PRO B 5 -4.47 5.13 -5.26
CA PRO B 5 -3.84 6.44 -5.46
C PRO B 5 -2.66 6.60 -4.50
N LEU B 6 -1.57 7.23 -4.95
CA LEU B 6 -0.42 7.41 -4.07
C LEU B 6 -0.64 8.61 -3.16
N PRO B 7 -0.18 8.44 -1.92
CA PRO B 7 -0.37 9.40 -0.81
C PRO B 7 0.15 10.82 -1.08
N PHE B 8 0.88 11.01 -2.18
CA PHE B 8 1.46 12.31 -2.50
C PHE B 8 0.37 13.35 -2.75
N LEU A 1 3.33 -3.45 13.31
CA LEU A 1 3.06 -2.93 11.94
C LEU A 1 2.92 -4.07 10.92
N PRO A 2 3.95 -4.94 10.74
CA PRO A 2 3.91 -6.07 9.79
C PRO A 2 2.59 -6.87 9.75
N PRO A 3 2.00 -7.27 10.91
CA PRO A 3 0.73 -8.01 10.94
C PRO A 3 -0.40 -7.34 10.15
N GLY A 4 -0.36 -6.02 10.08
CA GLY A 4 -1.42 -5.29 9.40
C GLY A 4 -1.06 -4.90 7.98
N TRP A 5 0.19 -4.54 7.76
CA TRP A 5 0.65 -4.06 6.47
C TRP A 5 1.19 -5.21 5.61
N GLU A 6 0.53 -5.46 4.48
CA GLU A 6 0.96 -6.46 3.52
C GLU A 6 1.53 -5.75 2.30
N LYS A 7 2.55 -6.30 1.70
CA LYS A 7 3.08 -5.68 0.51
C LYS A 7 2.39 -6.22 -0.73
N ARG A 8 1.35 -5.50 -1.10
CA ARG A 8 0.46 -5.84 -2.18
C ARG A 8 0.88 -5.08 -3.43
N MET A 9 0.64 -5.64 -4.60
CA MET A 9 1.19 -5.08 -5.83
C MET A 9 0.28 -4.05 -6.46
N SER A 10 0.90 -3.02 -7.01
CA SER A 10 0.21 -1.91 -7.66
C SER A 10 0.02 -2.24 -9.13
N ARG A 11 -1.21 -2.01 -9.57
CA ARG A 11 -1.74 -2.63 -10.77
C ARG A 11 -1.11 -2.11 -12.07
N SER A 12 -1.41 -0.87 -12.43
CA SER A 12 -1.00 -0.35 -13.72
C SER A 12 0.40 0.26 -13.64
N SER A 13 0.85 0.50 -12.43
CA SER A 13 2.15 1.12 -12.20
C SER A 13 3.27 0.09 -12.09
N GLY A 14 2.90 -1.15 -11.75
CA GLY A 14 3.91 -2.17 -11.51
C GLY A 14 4.83 -1.79 -10.37
N ARG A 15 4.24 -1.56 -9.21
CA ARG A 15 4.97 -1.01 -8.06
C ARG A 15 4.62 -1.74 -6.77
N VAL A 16 5.52 -1.82 -5.82
CA VAL A 16 5.18 -2.42 -4.53
C VAL A 16 4.65 -1.35 -3.56
N TYR A 17 3.42 -1.56 -3.08
CA TYR A 17 2.79 -0.63 -2.15
C TYR A 17 2.32 -1.38 -0.90
N TYR A 18 2.30 -0.69 0.23
CA TYR A 18 1.91 -1.31 1.48
C TYR A 18 0.40 -1.18 1.70
N PHE A 19 -0.30 -2.29 1.60
CA PHE A 19 -1.73 -2.32 1.84
C PHE A 19 -2.01 -2.86 3.24
N ASN A 20 -2.66 -2.06 4.07
CA ASN A 20 -3.02 -2.50 5.42
C ASN A 20 -4.55 -2.65 5.50
N HIS A 21 -5.02 -3.82 5.95
CA HIS A 21 -6.46 -4.03 6.04
C HIS A 21 -6.98 -4.03 7.48
N ILE A 22 -6.13 -3.73 8.45
CA ILE A 22 -6.64 -3.48 9.80
C ILE A 22 -7.21 -2.07 9.83
N THR A 23 -6.50 -1.17 9.17
CA THR A 23 -6.97 0.18 8.97
C THR A 23 -7.76 0.28 7.66
N ASN A 24 -7.52 -0.69 6.78
CA ASN A 24 -8.16 -0.76 5.45
C ASN A 24 -7.64 0.38 4.57
N ALA A 25 -6.47 0.88 4.93
CA ALA A 25 -5.85 1.96 4.18
C ALA A 25 -4.74 1.44 3.28
N SER A 26 -4.78 1.84 2.02
CA SER A 26 -3.76 1.46 1.05
C SER A 26 -2.73 2.56 0.93
N GLN A 27 -1.48 2.26 1.27
CA GLN A 27 -0.43 3.28 1.31
C GLN A 27 0.75 2.90 0.42
N TRP A 28 0.94 3.67 -0.63
CA TRP A 28 2.09 3.50 -1.52
C TRP A 28 3.27 4.24 -0.95
N GLU A 29 2.94 5.34 -0.33
CA GLU A 29 3.92 6.19 0.26
C GLU A 29 4.23 5.61 1.64
N ARG A 30 5.45 5.79 2.12
CA ARG A 30 5.98 4.93 3.18
C ARG A 30 5.29 5.18 4.53
N PRO A 31 4.87 4.08 5.21
CA PRO A 31 4.16 4.12 6.49
C PRO A 31 4.94 4.88 7.56
N SER A 32 6.26 4.85 7.46
CA SER A 32 7.11 5.53 8.41
C SER A 32 7.56 6.89 7.87
N GLY A 33 7.02 7.94 8.46
CA GLY A 33 7.35 9.28 8.03
C GLY A 33 7.52 10.21 9.20
N ARG B 1 -10.91 -4.70 -9.05
CA ARG B 1 -9.58 -4.08 -9.22
C ARG B 1 -9.51 -2.77 -8.45
N ILE B 2 -8.51 -2.65 -7.59
CA ILE B 2 -8.33 -1.45 -6.78
C ILE B 2 -6.88 -1.04 -6.73
N PRO B 4 -4.70 2.57 -5.72
CA PRO B 4 -4.53 3.94 -5.21
C PRO B 4 -3.54 4.76 -6.00
N PRO B 5 -4.06 5.82 -6.53
CA PRO B 5 -3.27 6.87 -7.15
C PRO B 5 -2.49 7.70 -6.11
N LEU B 6 -1.20 7.39 -5.93
CA LEU B 6 -0.34 8.12 -5.00
C LEU B 6 0.85 8.67 -5.76
N PRO B 7 1.19 9.93 -5.50
CA PRO B 7 2.11 10.70 -6.33
C PRO B 7 3.57 10.28 -6.19
N PHE B 8 3.85 9.45 -5.20
CA PHE B 8 5.22 9.01 -4.94
C PHE B 8 5.56 7.80 -5.79
N LEU A 1 4.74 -3.67 12.47
CA LEU A 1 3.87 -3.07 11.44
C LEU A 1 3.55 -4.05 10.29
N PRO A 2 4.54 -4.83 9.78
CA PRO A 2 4.31 -5.85 8.74
C PRO A 2 3.12 -6.80 8.99
N PRO A 3 2.83 -7.26 10.24
CA PRO A 3 1.67 -8.13 10.52
C PRO A 3 0.35 -7.55 10.00
N GLY A 4 0.25 -6.23 9.95
CA GLY A 4 -0.95 -5.60 9.42
C GLY A 4 -0.75 -5.10 8.01
N TRP A 5 0.42 -4.52 7.76
CA TRP A 5 0.74 -3.95 6.45
C TRP A 5 1.37 -5.00 5.55
N GLU A 6 0.57 -5.55 4.65
CA GLU A 6 1.03 -6.56 3.71
C GLU A 6 1.52 -5.88 2.46
N LYS A 7 2.64 -6.34 1.92
CA LYS A 7 3.17 -5.71 0.73
C LYS A 7 2.62 -6.37 -0.52
N ARG A 8 1.52 -5.77 -0.97
CA ARG A 8 0.78 -6.17 -2.13
C ARG A 8 1.26 -5.34 -3.32
N MET A 9 1.20 -5.89 -4.51
CA MET A 9 1.76 -5.21 -5.67
C MET A 9 0.72 -4.29 -6.31
N SER A 10 1.21 -3.14 -6.74
CA SER A 10 0.39 -2.08 -7.27
C SER A 10 0.25 -2.26 -8.77
N ARG A 11 -0.99 -2.08 -9.23
CA ARG A 11 -1.41 -2.55 -10.53
C ARG A 11 -0.77 -1.77 -11.69
N SER A 12 -1.16 -0.51 -11.85
CA SER A 12 -0.75 0.25 -13.03
C SER A 12 0.73 0.64 -13.01
N SER A 13 1.24 1.04 -11.85
CA SER A 13 2.58 1.58 -11.78
C SER A 13 3.64 0.49 -11.52
N GLY A 14 3.21 -0.72 -11.16
CA GLY A 14 4.15 -1.77 -10.82
C GLY A 14 4.98 -1.40 -9.60
N ARG A 15 4.29 -1.18 -8.48
CA ARG A 15 4.94 -0.66 -7.27
C ARG A 15 4.71 -1.58 -6.08
N VAL A 16 5.63 -1.62 -5.14
CA VAL A 16 5.40 -2.37 -3.91
C VAL A 16 4.73 -1.49 -2.85
N TYR A 17 3.40 -1.48 -2.84
CA TYR A 17 2.65 -0.64 -1.92
C TYR A 17 2.25 -1.42 -0.67
N TYR A 18 2.15 -0.72 0.44
CA TYR A 18 1.79 -1.31 1.71
C TYR A 18 0.28 -1.32 1.89
N PHE A 19 -0.34 -2.47 1.78
CA PHE A 19 -1.79 -2.58 1.98
C PHE A 19 -2.09 -3.08 3.38
N ASN A 20 -2.81 -2.29 4.15
CA ASN A 20 -3.18 -2.68 5.50
C ASN A 20 -4.70 -2.70 5.66
N HIS A 21 -5.24 -3.85 6.00
CA HIS A 21 -6.70 -4.00 6.09
C HIS A 21 -7.23 -3.78 7.49
N ILE A 22 -6.37 -3.53 8.47
CA ILE A 22 -6.86 -3.15 9.78
C ILE A 22 -7.36 -1.71 9.71
N THR A 23 -6.63 -0.89 8.98
CA THR A 23 -7.05 0.47 8.70
C THR A 23 -7.87 0.53 7.40
N ASN A 24 -7.70 -0.52 6.57
CA ASN A 24 -8.36 -0.62 5.26
C ASN A 24 -7.76 0.40 4.29
N ALA A 25 -6.60 0.91 4.65
CA ALA A 25 -5.93 1.91 3.85
C ALA A 25 -4.80 1.30 3.03
N SER A 26 -4.62 1.82 1.82
CA SER A 26 -3.60 1.30 0.92
C SER A 26 -2.53 2.38 0.65
N GLN A 27 -1.35 2.18 1.21
CA GLN A 27 -0.30 3.19 1.18
C GLN A 27 0.88 2.80 0.30
N TRP A 28 0.92 3.34 -0.90
CA TRP A 28 2.13 3.29 -1.72
C TRP A 28 3.13 4.21 -1.06
N GLU A 29 2.57 5.28 -0.54
CA GLU A 29 3.27 6.27 0.21
C GLU A 29 3.59 5.67 1.60
N ARG A 30 4.76 5.98 2.15
CA ARG A 30 5.23 5.27 3.34
C ARG A 30 4.40 5.59 4.59
N PRO A 31 3.99 4.56 5.35
CA PRO A 31 3.10 4.68 6.52
C PRO A 31 3.59 5.68 7.56
N SER A 32 4.90 5.83 7.68
CA SER A 32 5.49 6.76 8.63
C SER A 32 6.78 7.36 8.09
N GLY A 33 7.04 7.10 6.81
CA GLY A 33 8.30 7.52 6.22
C GLY A 33 8.09 8.59 5.18
N ARG B 1 -9.18 -1.90 -10.76
CA ARG B 1 -10.10 -2.26 -9.66
C ARG B 1 -9.78 -1.44 -8.42
N ILE B 2 -9.39 -2.08 -7.33
CA ILE B 2 -8.90 -1.35 -6.18
C ILE B 2 -7.42 -1.03 -6.35
N PRO B 4 -4.96 2.53 -5.80
CA PRO B 4 -4.66 3.90 -5.37
C PRO B 4 -3.72 4.63 -6.28
N PRO B 5 -4.20 5.76 -6.71
CA PRO B 5 -3.40 6.79 -7.35
C PRO B 5 -2.53 7.55 -6.33
N LEU B 6 -1.25 7.18 -6.24
CA LEU B 6 -0.31 7.81 -5.30
C LEU B 6 0.94 8.22 -6.08
N PRO B 7 1.60 9.30 -5.66
CA PRO B 7 2.76 9.86 -6.36
C PRO B 7 4.03 9.01 -6.21
N PHE B 8 3.98 8.03 -5.32
CA PHE B 8 5.14 7.20 -5.03
C PHE B 8 5.11 5.91 -5.84
N LEU A 1 7.32 -2.62 11.64
CA LEU A 1 6.22 -2.57 10.66
C LEU A 1 5.04 -3.40 11.17
N PRO A 2 3.87 -2.77 11.33
CA PRO A 2 2.64 -3.46 11.78
C PRO A 2 2.26 -4.63 10.87
N PRO A 3 1.95 -5.79 11.49
CA PRO A 3 1.56 -7.01 10.76
C PRO A 3 0.38 -6.80 9.81
N GLY A 4 -0.49 -5.84 10.15
CA GLY A 4 -1.65 -5.57 9.32
C GLY A 4 -1.32 -4.96 7.98
N TRP A 5 -0.08 -4.51 7.80
CA TRP A 5 0.36 -3.94 6.53
C TRP A 5 0.94 -5.03 5.62
N GLU A 6 0.24 -5.30 4.54
CA GLU A 6 0.60 -6.36 3.61
C GLU A 6 1.35 -5.78 2.41
N LYS A 7 2.27 -6.55 1.88
CA LYS A 7 2.98 -6.17 0.68
C LYS A 7 2.24 -6.69 -0.54
N ARG A 8 1.48 -5.81 -1.16
CA ARG A 8 0.70 -6.14 -2.34
C ARG A 8 1.26 -5.38 -3.54
N MET A 9 1.14 -5.95 -4.72
CA MET A 9 1.70 -5.35 -5.91
C MET A 9 0.68 -4.41 -6.57
N SER A 10 1.17 -3.26 -6.99
CA SER A 10 0.35 -2.25 -7.62
C SER A 10 0.32 -2.49 -9.12
N ARG A 11 -0.86 -2.32 -9.68
CA ARG A 11 -1.19 -2.79 -11.02
C ARG A 11 -0.46 -2.00 -12.11
N SER A 12 -0.83 -0.74 -12.27
CA SER A 12 -0.42 0.03 -13.44
C SER A 12 1.08 0.36 -13.41
N SER A 13 1.64 0.51 -12.23
CA SER A 13 3.05 0.88 -12.10
C SER A 13 3.95 -0.36 -12.04
N GLY A 14 3.38 -1.51 -11.70
CA GLY A 14 4.18 -2.71 -11.52
C GLY A 14 5.16 -2.58 -10.37
N ARG A 15 4.67 -2.04 -9.25
CA ARG A 15 5.53 -1.70 -8.10
C ARG A 15 4.79 -2.02 -6.83
N VAL A 16 5.48 -2.35 -5.74
CA VAL A 16 4.80 -2.84 -4.56
C VAL A 16 4.41 -1.70 -3.63
N TYR A 17 3.21 -1.82 -3.09
CA TYR A 17 2.65 -0.83 -2.19
C TYR A 17 2.15 -1.53 -0.95
N TYR A 18 2.16 -0.84 0.17
CA TYR A 18 1.74 -1.44 1.41
C TYR A 18 0.24 -1.23 1.60
N PHE A 19 -0.51 -2.32 1.59
CA PHE A 19 -1.96 -2.26 1.78
C PHE A 19 -2.31 -2.70 3.19
N ASN A 20 -3.07 -1.88 3.89
CA ASN A 20 -3.50 -2.22 5.24
C ASN A 20 -5.01 -2.15 5.33
N HIS A 21 -5.64 -3.20 5.83
CA HIS A 21 -7.11 -3.19 5.95
C HIS A 21 -7.57 -3.04 7.39
N ILE A 22 -6.67 -2.73 8.31
CA ILE A 22 -7.12 -2.38 9.66
C ILE A 22 -7.57 -0.92 9.67
N THR A 23 -6.81 -0.06 8.98
CA THR A 23 -7.28 1.29 8.67
C THR A 23 -8.00 1.30 7.31
N ASN A 24 -7.79 0.23 6.53
CA ASN A 24 -8.33 0.12 5.17
C ASN A 24 -7.84 1.28 4.31
N ALA A 25 -6.53 1.36 4.18
CA ALA A 25 -5.88 2.37 3.37
C ALA A 25 -4.73 1.75 2.60
N SER A 26 -4.44 2.30 1.44
CA SER A 26 -3.37 1.79 0.59
C SER A 26 -2.27 2.83 0.44
N GLN A 27 -1.05 2.46 0.80
CA GLN A 27 0.07 3.39 0.73
C GLN A 27 1.17 2.90 -0.19
N TRP A 28 1.29 3.55 -1.34
CA TRP A 28 2.44 3.35 -2.21
C TRP A 28 3.65 3.95 -1.54
N GLU A 29 3.44 5.15 -1.06
CA GLU A 29 4.43 5.86 -0.30
C GLU A 29 4.59 5.15 1.05
N ARG A 30 5.81 5.12 1.56
CA ARG A 30 6.15 4.23 2.68
C ARG A 30 5.50 4.66 4.00
N PRO A 31 4.70 3.76 4.60
CA PRO A 31 4.16 3.94 5.95
C PRO A 31 5.27 4.01 6.99
N SER A 32 6.37 3.32 6.68
CA SER A 32 7.56 3.36 7.49
C SER A 32 8.62 4.21 6.82
N GLY A 33 8.79 5.42 7.33
CA GLY A 33 9.69 6.37 6.71
C GLY A 33 9.96 7.54 7.62
N ARG B 1 -7.43 -4.09 -10.30
CA ARG B 1 -8.81 -3.57 -10.34
C ARG B 1 -9.03 -2.60 -9.18
N ILE B 2 -8.38 -2.88 -8.05
CA ILE B 2 -8.30 -1.90 -7.00
C ILE B 2 -6.86 -1.45 -6.89
N PRO B 4 -4.53 1.88 -6.06
CA PRO B 4 -4.43 3.14 -5.33
C PRO B 4 -3.69 4.24 -6.07
N PRO B 5 -4.27 5.39 -5.94
CA PRO B 5 -3.59 6.68 -6.14
C PRO B 5 -2.62 6.93 -4.97
N LEU B 6 -1.40 7.34 -5.27
CA LEU B 6 -0.43 7.61 -4.20
C LEU B 6 -0.84 8.85 -3.44
N PRO B 7 -0.60 8.79 -2.15
CA PRO B 7 -1.00 9.82 -1.17
C PRO B 7 -0.57 11.25 -1.54
N PHE B 8 0.26 11.38 -2.56
CA PHE B 8 0.66 12.68 -3.08
C PHE B 8 -0.35 13.12 -4.13
N LEU A 1 5.15 -3.90 11.40
CA LEU A 1 3.84 -3.51 10.83
C LEU A 1 3.30 -4.43 9.70
N PRO A 2 4.10 -5.38 9.09
CA PRO A 2 3.59 -6.29 8.04
C PRO A 2 2.23 -6.97 8.35
N PRO A 3 1.95 -7.43 9.59
CA PRO A 3 0.65 -8.01 9.96
C PRO A 3 -0.54 -7.14 9.55
N GLY A 4 -0.33 -5.83 9.52
CA GLY A 4 -1.36 -4.91 9.09
C GLY A 4 -1.11 -4.39 7.70
N TRP A 5 0.14 -4.01 7.44
CA TRP A 5 0.53 -3.47 6.15
C TRP A 5 1.07 -4.58 5.24
N GLU A 6 0.30 -4.89 4.21
CA GLU A 6 0.69 -5.92 3.26
C GLU A 6 1.50 -5.34 2.12
N LYS A 7 2.45 -6.11 1.62
CA LYS A 7 3.15 -5.74 0.40
C LYS A 7 2.40 -6.30 -0.79
N ARG A 8 1.48 -5.50 -1.30
CA ARG A 8 0.60 -5.90 -2.37
C ARG A 8 1.06 -5.27 -3.67
N MET A 9 0.83 -5.93 -4.79
CA MET A 9 1.35 -5.46 -6.05
C MET A 9 0.37 -4.51 -6.72
N SER A 10 0.89 -3.38 -7.14
CA SER A 10 0.11 -2.37 -7.81
C SER A 10 0.16 -2.64 -9.30
N ARG A 11 -0.98 -2.40 -9.94
CA ARG A 11 -1.26 -2.90 -11.28
C ARG A 11 -0.41 -2.23 -12.35
N SER A 12 -0.65 -0.96 -12.62
CA SER A 12 0.01 -0.28 -13.72
C SER A 12 1.51 -0.05 -13.44
N SER A 13 1.87 0.02 -12.18
CA SER A 13 3.25 0.27 -11.81
C SER A 13 4.03 -1.04 -11.66
N GLY A 14 3.32 -2.12 -11.35
CA GLY A 14 3.98 -3.39 -11.08
C GLY A 14 4.90 -3.32 -9.88
N ARG A 15 4.43 -2.66 -8.83
CA ARG A 15 5.29 -2.32 -7.67
C ARG A 15 4.57 -2.61 -6.36
N VAL A 16 5.31 -2.95 -5.32
CA VAL A 16 4.69 -3.39 -4.07
C VAL A 16 4.41 -2.22 -3.13
N TYR A 17 3.12 -1.89 -3.03
CA TYR A 17 2.60 -0.83 -2.18
C TYR A 17 2.05 -1.44 -0.90
N TYR A 18 2.09 -0.69 0.18
CA TYR A 18 1.65 -1.20 1.46
C TYR A 18 0.16 -0.94 1.66
N PHE A 19 -0.63 -2.01 1.56
CA PHE A 19 -2.06 -1.93 1.82
C PHE A 19 -2.33 -2.37 3.26
N ASN A 20 -2.89 -1.47 4.06
CA ASN A 20 -3.15 -1.75 5.46
C ASN A 20 -4.64 -1.82 5.73
N HIS A 21 -5.12 -2.99 6.15
CA HIS A 21 -6.55 -3.19 6.36
C HIS A 21 -6.98 -2.99 7.81
N ILE A 22 -6.07 -2.59 8.70
CA ILE A 22 -6.51 -2.22 10.04
C ILE A 22 -7.11 -0.82 9.98
N THR A 23 -6.46 0.08 9.25
CA THR A 23 -7.01 1.40 8.98
C THR A 23 -7.85 1.37 7.69
N ASN A 24 -7.62 0.34 6.87
CA ASN A 24 -8.29 0.22 5.56
C ASN A 24 -7.85 1.34 4.62
N ALA A 25 -6.56 1.38 4.37
CA ALA A 25 -5.97 2.38 3.47
C ALA A 25 -4.88 1.74 2.62
N SER A 26 -4.73 2.22 1.40
CA SER A 26 -3.73 1.69 0.49
C SER A 26 -2.64 2.74 0.24
N GLN A 27 -1.45 2.49 0.80
CA GLN A 27 -0.38 3.48 0.75
C GLN A 27 0.80 3.01 -0.09
N TRP A 28 1.03 3.71 -1.19
CA TRP A 28 2.24 3.54 -1.98
C TRP A 28 3.39 4.22 -1.27
N GLU A 29 3.01 5.17 -0.45
CA GLU A 29 3.94 6.00 0.25
C GLU A 29 4.23 5.36 1.61
N ARG A 30 5.48 5.41 2.04
CA ARG A 30 5.93 4.63 3.20
C ARG A 30 5.33 5.15 4.50
N PRO A 31 4.83 4.23 5.34
CA PRO A 31 4.24 4.57 6.63
C PRO A 31 5.29 5.08 7.62
N SER A 32 6.51 4.59 7.45
CA SER A 32 7.64 5.02 8.26
C SER A 32 8.80 5.41 7.35
N GLY A 33 9.19 6.66 7.40
CA GLY A 33 10.25 7.13 6.53
C GLY A 33 10.62 8.57 6.81
N ARG B 1 -9.21 -6.05 -8.04
CA ARG B 1 -8.44 -5.11 -8.88
C ARG B 1 -8.72 -3.67 -8.48
N ILE B 2 -7.91 -3.15 -7.57
CA ILE B 2 -8.04 -1.77 -7.13
C ILE B 2 -6.66 -1.15 -6.96
N PRO B 4 -4.39 1.99 -6.18
CA PRO B 4 -4.34 3.23 -5.41
C PRO B 4 -3.59 4.36 -6.07
N PRO B 5 -4.19 5.52 -5.95
CA PRO B 5 -3.55 6.82 -6.11
C PRO B 5 -2.59 7.11 -4.94
N LEU B 6 -1.43 7.68 -5.21
CA LEU B 6 -0.49 8.01 -4.14
C LEU B 6 -0.82 9.37 -3.59
N PRO B 7 -0.68 9.48 -2.28
CA PRO B 7 -0.98 10.68 -1.49
C PRO B 7 -0.23 11.94 -1.95
N PHE B 8 0.73 11.76 -2.85
CA PHE B 8 1.48 12.88 -3.39
C PHE B 8 0.71 13.53 -4.53
N LEU A 1 6.20 -1.38 11.71
CA LEU A 1 4.86 -1.35 11.12
C LEU A 1 4.15 -2.67 11.36
N PRO A 2 2.87 -2.63 11.76
CA PRO A 2 2.08 -3.83 12.05
C PRO A 2 2.00 -4.79 10.86
N PRO A 3 1.90 -6.10 11.15
CA PRO A 3 1.74 -7.15 10.14
C PRO A 3 0.67 -6.82 9.09
N GLY A 4 -0.33 -6.03 9.52
CA GLY A 4 -1.40 -5.62 8.64
C GLY A 4 -0.93 -4.85 7.41
N TRP A 5 0.34 -4.47 7.37
CA TRP A 5 0.91 -3.83 6.18
C TRP A 5 1.49 -4.91 5.26
N GLU A 6 0.80 -5.12 4.14
CA GLU A 6 1.10 -6.20 3.22
C GLU A 6 1.73 -5.68 1.95
N LYS A 7 2.57 -6.50 1.33
CA LYS A 7 3.11 -6.17 0.03
C LYS A 7 2.17 -6.70 -1.05
N ARG A 8 1.41 -5.78 -1.60
CA ARG A 8 0.38 -6.09 -2.58
C ARG A 8 0.78 -5.48 -3.93
N MET A 9 0.34 -6.10 -5.01
CA MET A 9 0.83 -5.73 -6.34
C MET A 9 -0.05 -4.64 -6.95
N SER A 10 0.62 -3.61 -7.45
CA SER A 10 -0.03 -2.45 -8.04
C SER A 10 -0.23 -2.69 -9.52
N ARG A 11 -1.45 -2.46 -9.97
CA ARG A 11 -1.91 -2.87 -11.29
C ARG A 11 -1.26 -2.08 -12.42
N SER A 12 -1.18 -0.77 -12.25
CA SER A 12 -0.73 0.12 -13.31
C SER A 12 0.77 -0.05 -13.61
N SER A 13 1.60 0.39 -12.68
CA SER A 13 3.04 0.41 -12.88
C SER A 13 3.69 -0.92 -12.53
N GLY A 14 2.93 -1.81 -11.90
CA GLY A 14 3.49 -3.08 -11.47
C GLY A 14 4.43 -2.89 -10.30
N ARG A 15 3.90 -2.36 -9.21
CA ARG A 15 4.73 -1.93 -8.08
C ARG A 15 4.34 -2.67 -6.80
N VAL A 16 5.29 -2.88 -5.89
CA VAL A 16 4.95 -3.49 -4.61
C VAL A 16 4.58 -2.41 -3.59
N TYR A 17 3.28 -2.14 -3.51
CA TYR A 17 2.78 -1.11 -2.62
C TYR A 17 2.34 -1.74 -1.31
N TYR A 18 2.42 -0.97 -0.25
CA TYR A 18 2.06 -1.47 1.06
C TYR A 18 0.59 -1.23 1.33
N PHE A 19 -0.17 -2.31 1.29
CA PHE A 19 -1.60 -2.26 1.53
C PHE A 19 -1.90 -2.69 2.97
N ASN A 20 -2.54 -1.82 3.72
CA ASN A 20 -2.90 -2.14 5.09
C ASN A 20 -4.42 -2.18 5.22
N HIS A 21 -4.96 -3.30 5.69
CA HIS A 21 -6.41 -3.43 5.82
C HIS A 21 -6.89 -3.32 7.26
N ILE A 22 -6.05 -2.83 8.16
CA ILE A 22 -6.55 -2.51 9.51
C ILE A 22 -7.14 -1.10 9.46
N THR A 23 -6.40 -0.18 8.85
CA THR A 23 -6.90 1.16 8.59
C THR A 23 -7.58 1.22 7.22
N ASN A 24 -7.28 0.21 6.37
CA ASN A 24 -7.82 0.11 5.01
C ASN A 24 -7.09 1.11 4.09
N ALA A 25 -5.91 1.53 4.53
CA ALA A 25 -5.11 2.48 3.77
C ALA A 25 -4.17 1.76 2.80
N SER A 26 -4.12 2.26 1.58
CA SER A 26 -3.22 1.71 0.57
C SER A 26 -2.12 2.72 0.26
N GLN A 27 -0.88 2.36 0.56
CA GLN A 27 0.22 3.29 0.43
C GLN A 27 1.33 2.74 -0.46
N TRP A 28 1.50 3.36 -1.63
CA TRP A 28 2.64 3.05 -2.50
C TRP A 28 3.90 3.59 -1.88
N GLU A 29 3.72 4.68 -1.17
CA GLU A 29 4.80 5.37 -0.51
C GLU A 29 4.94 4.78 0.90
N ARG A 30 6.17 4.78 1.42
CA ARG A 30 6.46 4.04 2.64
C ARG A 30 5.82 4.70 3.86
N PRO A 31 5.17 3.88 4.73
CA PRO A 31 4.50 4.36 5.95
C PRO A 31 5.41 5.26 6.78
N SER A 32 6.41 4.65 7.43
CA SER A 32 7.47 5.36 8.16
C SER A 32 6.99 6.06 9.43
N GLY A 33 5.72 6.41 9.49
CA GLY A 33 5.18 7.06 10.67
C GLY A 33 3.70 6.86 10.80
N ARG B 1 -8.81 -5.22 -7.70
CA ARG B 1 -9.41 -4.42 -8.78
C ARG B 1 -9.24 -2.93 -8.47
N ILE B 2 -8.77 -2.63 -7.27
CA ILE B 2 -8.53 -1.25 -6.86
C ILE B 2 -7.05 -0.95 -6.94
N PRO B 4 -4.44 2.05 -6.02
CA PRO B 4 -4.19 3.26 -5.22
C PRO B 4 -3.42 4.33 -5.95
N PRO B 5 -3.92 5.52 -5.78
CA PRO B 5 -3.20 6.77 -6.02
C PRO B 5 -2.10 6.97 -4.98
N LEU B 6 -0.89 7.37 -5.40
CA LEU B 6 0.19 7.56 -4.44
C LEU B 6 0.00 8.88 -3.72
N PRO B 7 0.13 8.80 -2.41
CA PRO B 7 -0.15 9.90 -1.47
C PRO B 7 0.67 11.18 -1.68
N PHE B 8 1.68 11.12 -2.55
CA PHE B 8 2.52 12.28 -2.87
C PHE B 8 1.66 13.47 -3.29
N LEU A 1 7.31 -2.14 11.44
CA LEU A 1 6.11 -2.13 10.57
C LEU A 1 5.20 -3.31 10.92
N PRO A 2 3.96 -3.03 11.34
CA PRO A 2 2.98 -4.05 11.68
C PRO A 2 2.75 -5.04 10.54
N PRO A 3 2.73 -6.35 10.84
CA PRO A 3 2.51 -7.42 9.86
C PRO A 3 1.25 -7.22 9.03
N GLY A 4 0.26 -6.57 9.63
CA GLY A 4 -1.00 -6.31 8.94
C GLY A 4 -0.84 -5.44 7.70
N TRP A 5 0.33 -4.83 7.54
CA TRP A 5 0.64 -4.09 6.32
C TRP A 5 1.30 -5.02 5.30
N GLU A 6 0.52 -5.40 4.31
CA GLU A 6 0.95 -6.36 3.29
C GLU A 6 1.56 -5.64 2.11
N LYS A 7 2.55 -6.25 1.49
CA LYS A 7 3.11 -5.69 0.27
C LYS A 7 2.37 -6.24 -0.93
N ARG A 8 1.41 -5.46 -1.37
CA ARG A 8 0.49 -5.84 -2.43
C ARG A 8 0.86 -5.08 -3.70
N MET A 9 0.60 -5.66 -4.87
CA MET A 9 1.09 -5.10 -6.11
C MET A 9 0.10 -4.11 -6.71
N SER A 10 0.67 -3.00 -7.16
CA SER A 10 -0.06 -1.89 -7.75
C SER A 10 -0.16 -2.11 -9.23
N ARG A 11 -1.33 -1.80 -9.78
CA ARG A 11 -1.71 -2.26 -11.11
C ARG A 11 -0.90 -1.58 -12.23
N SER A 12 -1.14 -0.29 -12.44
CA SER A 12 -0.61 0.37 -13.63
C SER A 12 0.90 0.54 -13.57
N SER A 13 1.44 0.79 -12.39
CA SER A 13 2.87 1.03 -12.26
C SER A 13 3.67 -0.26 -11.99
N GLY A 14 2.97 -1.32 -11.57
CA GLY A 14 3.66 -2.53 -11.18
C GLY A 14 4.61 -2.31 -10.01
N ARG A 15 4.06 -1.85 -8.89
CA ARG A 15 4.89 -1.44 -7.75
C ARG A 15 4.33 -1.99 -6.44
N VAL A 16 5.19 -2.25 -5.46
CA VAL A 16 4.71 -2.87 -4.22
C VAL A 16 4.27 -1.81 -3.21
N TYR A 17 2.96 -1.74 -3.03
CA TYR A 17 2.35 -0.78 -2.14
C TYR A 17 1.91 -1.48 -0.86
N TYR A 18 1.90 -0.73 0.23
CA TYR A 18 1.58 -1.28 1.52
C TYR A 18 0.07 -1.18 1.76
N PHE A 19 -0.57 -2.34 1.79
CA PHE A 19 -2.00 -2.44 1.99
C PHE A 19 -2.30 -2.90 3.41
N ASN A 20 -3.11 -2.14 4.10
CA ASN A 20 -3.46 -2.47 5.48
C ASN A 20 -4.97 -2.56 5.63
N HIS A 21 -5.51 -3.76 5.78
CA HIS A 21 -6.96 -3.93 5.81
C HIS A 21 -7.54 -3.74 7.21
N ILE A 22 -6.70 -3.53 8.22
CA ILE A 22 -7.23 -3.24 9.55
C ILE A 22 -7.87 -1.86 9.54
N THR A 23 -7.17 -0.88 8.97
CA THR A 23 -7.72 0.45 8.75
C THR A 23 -8.39 0.53 7.38
N ASN A 24 -8.15 -0.49 6.55
CA ASN A 24 -8.65 -0.54 5.17
C ASN A 24 -8.08 0.62 4.36
N ALA A 25 -6.76 0.65 4.26
CA ALA A 25 -6.07 1.69 3.52
C ALA A 25 -5.00 1.08 2.61
N SER A 26 -4.75 1.72 1.49
CA SER A 26 -3.75 1.26 0.54
C SER A 26 -2.77 2.39 0.25
N GLN A 27 -1.49 2.16 0.55
CA GLN A 27 -0.49 3.22 0.50
C GLN A 27 0.80 2.77 -0.15
N TRP A 28 1.09 3.26 -1.36
CA TRP A 28 2.40 3.05 -1.98
C TRP A 28 3.39 3.87 -1.19
N GLU A 29 2.85 4.94 -0.64
CA GLU A 29 3.58 5.89 0.12
C GLU A 29 3.82 5.31 1.52
N ARG A 30 4.91 5.70 2.16
CA ARG A 30 5.39 5.00 3.35
C ARG A 30 4.45 5.21 4.55
N PRO A 31 4.00 4.10 5.17
CA PRO A 31 3.07 4.13 6.31
C PRO A 31 3.64 4.87 7.52
N SER A 32 4.96 4.82 7.66
CA SER A 32 5.61 5.46 8.78
C SER A 32 7.06 5.80 8.42
N GLY A 33 7.33 7.09 8.33
CA GLY A 33 8.67 7.55 8.05
C GLY A 33 8.94 8.87 8.72
N ARG B 1 -8.09 -5.28 -7.75
CA ARG B 1 -8.93 -4.47 -8.68
C ARG B 1 -9.00 -3.02 -8.22
N ILE B 2 -8.37 -2.71 -7.10
CA ILE B 2 -8.33 -1.34 -6.62
C ILE B 2 -6.89 -0.87 -6.56
N PRO B 4 -4.34 2.13 -5.56
CA PRO B 4 -4.11 3.26 -4.64
C PRO B 4 -3.39 4.45 -5.25
N PRO B 5 -3.90 5.60 -4.86
CA PRO B 5 -3.25 6.91 -5.01
C PRO B 5 -2.03 7.11 -4.08
N LEU B 6 -0.91 7.60 -4.64
CA LEU B 6 0.20 8.15 -3.85
C LEU B 6 0.87 9.26 -4.67
N PRO B 7 1.62 10.13 -4.01
CA PRO B 7 2.25 11.32 -4.63
C PRO B 7 3.37 11.01 -5.64
N PHE B 8 3.94 9.81 -5.62
CA PHE B 8 5.03 9.48 -6.54
C PHE B 8 4.97 8.02 -6.98
N LEU A 1 6.54 -2.50 12.49
CA LEU A 1 5.58 -2.46 11.37
C LEU A 1 4.50 -3.52 11.59
N PRO A 2 3.24 -3.08 11.76
CA PRO A 2 2.11 -3.99 11.98
C PRO A 2 1.93 -5.00 10.84
N PRO A 3 1.61 -6.26 11.20
CA PRO A 3 1.40 -7.35 10.25
C PRO A 3 0.33 -7.01 9.19
N GLY A 4 -0.62 -6.17 9.58
CA GLY A 4 -1.71 -5.79 8.69
C GLY A 4 -1.26 -5.16 7.38
N TRP A 5 0.02 -4.83 7.27
CA TRP A 5 0.56 -4.25 6.05
C TRP A 5 1.03 -5.36 5.11
N GLU A 6 0.24 -5.60 4.08
CA GLU A 6 0.50 -6.63 3.09
C GLU A 6 1.35 -6.05 1.96
N LYS A 7 2.24 -6.86 1.42
CA LYS A 7 3.01 -6.47 0.26
C LYS A 7 2.27 -6.88 -1.00
N ARG A 8 1.66 -5.90 -1.66
CA ARG A 8 0.84 -6.19 -2.82
C ARG A 8 1.34 -5.41 -4.02
N MET A 9 1.14 -5.97 -5.20
CA MET A 9 1.60 -5.35 -6.42
C MET A 9 0.52 -4.43 -6.98
N SER A 10 0.92 -3.20 -7.26
CA SER A 10 -0.01 -2.18 -7.71
C SER A 10 -0.10 -2.19 -9.22
N ARG A 11 -1.35 -2.14 -9.69
CA ARG A 11 -1.71 -2.39 -11.06
C ARG A 11 -1.24 -1.28 -12.01
N SER A 12 -1.21 -0.06 -11.50
CA SER A 12 -0.90 1.10 -12.33
C SER A 12 0.57 1.10 -12.76
N SER A 13 1.46 1.34 -11.80
CA SER A 13 2.87 1.54 -12.09
C SER A 13 3.64 0.22 -12.08
N GLY A 14 3.01 -0.86 -11.62
CA GLY A 14 3.73 -2.10 -11.45
C GLY A 14 4.71 -1.98 -10.29
N ARG A 15 4.18 -1.57 -9.16
CA ARG A 15 5.02 -1.15 -8.03
C ARG A 15 4.61 -1.92 -6.77
N VAL A 16 5.53 -2.14 -5.86
CA VAL A 16 5.17 -2.86 -4.64
C VAL A 16 4.72 -1.88 -3.58
N TYR A 17 3.43 -1.94 -3.31
CA TYR A 17 2.78 -1.02 -2.40
C TYR A 17 2.31 -1.75 -1.16
N TYR A 18 2.28 -1.05 -0.05
CA TYR A 18 1.86 -1.63 1.21
C TYR A 18 0.35 -1.46 1.38
N PHE A 19 -0.38 -2.56 1.41
CA PHE A 19 -1.82 -2.52 1.64
C PHE A 19 -2.14 -2.87 3.08
N ASN A 20 -2.61 -1.90 3.85
CA ASN A 20 -2.96 -2.15 5.24
C ASN A 20 -4.47 -2.12 5.43
N HIS A 21 -5.02 -3.23 5.91
CA HIS A 21 -6.47 -3.36 6.06
C HIS A 21 -6.96 -3.07 7.47
N ILE A 22 -6.06 -2.82 8.42
CA ILE A 22 -6.52 -2.44 9.75
C ILE A 22 -7.12 -1.04 9.72
N THR A 23 -6.44 -0.14 9.00
CA THR A 23 -7.03 1.16 8.66
C THR A 23 -7.77 1.06 7.33
N ASN A 24 -7.51 -0.03 6.58
CA ASN A 24 -8.11 -0.29 5.26
C ASN A 24 -7.61 0.74 4.24
N ALA A 25 -6.50 1.38 4.56
CA ALA A 25 -5.91 2.38 3.68
C ALA A 25 -4.73 1.77 2.93
N SER A 26 -4.78 1.87 1.61
CA SER A 26 -3.75 1.34 0.76
C SER A 26 -2.67 2.40 0.51
N GLN A 27 -1.42 2.06 0.78
CA GLN A 27 -0.33 3.03 0.74
C GLN A 27 0.83 2.53 -0.12
N TRP A 28 1.04 3.14 -1.28
CA TRP A 28 2.23 2.83 -2.08
C TRP A 28 3.41 3.51 -1.41
N GLU A 29 3.05 4.51 -0.65
CA GLU A 29 3.98 5.36 0.00
C GLU A 29 4.30 4.78 1.38
N ARG A 30 5.44 5.15 1.94
CA ARG A 30 5.95 4.47 3.14
C ARG A 30 5.09 4.78 4.37
N PRO A 31 4.69 3.73 5.12
CA PRO A 31 3.79 3.87 6.27
C PRO A 31 4.39 4.71 7.40
N SER A 32 5.68 4.58 7.59
CA SER A 32 6.36 5.24 8.69
C SER A 32 7.46 6.15 8.15
N GLY A 33 7.39 7.42 8.52
CA GLY A 33 8.40 8.37 8.15
C GLY A 33 9.28 8.72 9.32
N ARG B 1 -8.04 -5.56 -8.86
CA ARG B 1 -8.84 -4.57 -9.61
C ARG B 1 -8.79 -3.21 -8.92
N ILE B 2 -8.61 -3.19 -7.61
CA ILE B 2 -8.48 -1.94 -6.88
C ILE B 2 -7.05 -1.45 -6.95
N PRO B 4 -4.67 1.80 -5.56
CA PRO B 4 -4.42 2.94 -4.66
C PRO B 4 -3.68 4.11 -5.27
N PRO B 5 -4.19 5.25 -4.93
CA PRO B 5 -3.51 6.56 -5.02
C PRO B 5 -2.44 6.80 -3.94
N LEU B 6 -1.20 7.08 -4.35
CA LEU B 6 -0.20 7.69 -3.44
C LEU B 6 0.23 9.04 -4.05
N PRO B 7 1.00 9.84 -3.30
CA PRO B 7 1.45 11.18 -3.71
C PRO B 7 2.33 11.23 -4.96
N PHE B 8 2.77 10.08 -5.46
CA PHE B 8 3.62 10.05 -6.66
C PHE B 8 3.42 8.77 -7.46
N LEU A 1 5.27 -2.47 11.23
CA LEU A 1 3.90 -2.32 10.67
C LEU A 1 3.42 -3.49 9.75
N PRO A 2 4.26 -4.52 9.39
CA PRO A 2 3.79 -5.63 8.52
C PRO A 2 2.45 -6.29 8.92
N PRO A 3 2.13 -6.47 10.23
CA PRO A 3 0.84 -7.05 10.64
C PRO A 3 -0.38 -6.33 10.04
N GLY A 4 -0.22 -5.04 9.77
CA GLY A 4 -1.30 -4.28 9.18
C GLY A 4 -1.02 -3.91 7.73
N TRP A 5 0.22 -3.51 7.47
CA TRP A 5 0.61 -3.07 6.14
C TRP A 5 1.15 -4.26 5.33
N GLU A 6 0.38 -4.65 4.32
CA GLU A 6 0.72 -5.76 3.45
C GLU A 6 1.55 -5.28 2.27
N LYS A 7 2.51 -6.08 1.86
CA LYS A 7 3.27 -5.78 0.66
C LYS A 7 2.60 -6.38 -0.55
N ARG A 8 1.83 -5.57 -1.24
CA ARG A 8 1.05 -6.03 -2.38
C ARG A 8 1.54 -5.34 -3.65
N MET A 9 1.41 -6.01 -4.77
CA MET A 9 1.85 -5.46 -6.04
C MET A 9 0.73 -4.66 -6.69
N SER A 10 1.04 -3.44 -7.07
CA SER A 10 0.08 -2.54 -7.67
C SER A 10 0.11 -2.72 -9.18
N ARG A 11 -1.06 -2.52 -9.77
CA ARG A 11 -1.40 -3.04 -11.08
C ARG A 11 -0.63 -2.35 -12.22
N SER A 12 -0.97 -1.08 -12.50
CA SER A 12 -0.43 -0.41 -13.67
C SER A 12 1.06 -0.11 -13.53
N SER A 13 1.50 0.26 -12.34
CA SER A 13 2.88 0.66 -12.14
C SER A 13 3.80 -0.52 -11.80
N GLY A 14 3.21 -1.66 -11.47
CA GLY A 14 4.01 -2.81 -11.07
C GLY A 14 4.90 -2.49 -9.88
N ARG A 15 4.30 -1.95 -8.84
CA ARG A 15 5.07 -1.42 -7.70
C ARG A 15 4.60 -2.02 -6.39
N VAL A 16 5.49 -2.15 -5.42
CA VAL A 16 5.12 -2.74 -4.15
C VAL A 16 4.61 -1.67 -3.17
N TYR A 17 3.30 -1.63 -3.04
CA TYR A 17 2.63 -0.64 -2.20
C TYR A 17 2.15 -1.31 -0.93
N TYR A 18 2.11 -0.55 0.15
CA TYR A 18 1.71 -1.09 1.43
C TYR A 18 0.20 -0.96 1.61
N PHE A 19 -0.51 -2.07 1.48
CA PHE A 19 -1.94 -2.09 1.69
C PHE A 19 -2.25 -2.37 3.16
N ASN A 20 -2.73 -1.36 3.87
CA ASN A 20 -3.00 -1.53 5.30
C ASN A 20 -4.49 -1.70 5.54
N HIS A 21 -4.88 -2.86 6.05
CA HIS A 21 -6.30 -3.18 6.23
C HIS A 21 -6.83 -2.83 7.61
N ILE A 22 -5.97 -2.41 8.53
CA ILE A 22 -6.48 -1.96 9.82
C ILE A 22 -7.15 -0.60 9.64
N THR A 23 -6.54 0.23 8.79
CA THR A 23 -7.15 1.47 8.38
C THR A 23 -7.99 1.25 7.11
N ASN A 24 -7.72 0.14 6.43
CA ASN A 24 -8.38 -0.21 5.14
C ASN A 24 -7.86 0.71 4.03
N ALA A 25 -6.82 1.45 4.34
CA ALA A 25 -6.23 2.40 3.41
C ALA A 25 -5.13 1.75 2.59
N SER A 26 -5.20 1.91 1.28
CA SER A 26 -4.18 1.38 0.39
C SER A 26 -3.16 2.46 0.06
N GLN A 27 -1.97 2.35 0.66
CA GLN A 27 -0.95 3.38 0.51
C GLN A 27 0.20 2.88 -0.37
N TRP A 28 0.83 3.80 -1.07
CA TRP A 28 1.99 3.50 -1.89
C TRP A 28 3.22 4.04 -1.22
N GLU A 29 3.00 5.13 -0.53
CA GLU A 29 4.06 5.91 0.04
C GLU A 29 4.38 5.35 1.43
N ARG A 30 5.64 5.43 1.82
CA ARG A 30 6.13 4.72 2.99
C ARG A 30 5.58 5.29 4.29
N PRO A 31 5.11 4.41 5.19
CA PRO A 31 4.62 4.81 6.52
C PRO A 31 5.78 5.22 7.41
N SER A 32 6.41 4.23 8.03
CA SER A 32 7.64 4.43 8.76
C SER A 32 8.55 3.23 8.53
N GLY A 33 9.44 3.35 7.56
CA GLY A 33 10.30 2.26 7.23
C GLY A 33 10.51 2.13 5.74
N ARG B 1 -9.50 -5.65 -9.60
CA ARG B 1 -8.19 -5.11 -9.19
C ARG B 1 -8.33 -3.65 -8.76
N ILE B 2 -8.00 -3.37 -7.52
CA ILE B 2 -8.09 -2.02 -6.98
C ILE B 2 -6.70 -1.42 -6.86
N PRO B 4 -4.58 1.97 -6.04
CA PRO B 4 -4.52 3.25 -5.33
C PRO B 4 -3.77 4.35 -6.05
N PRO B 5 -4.37 5.51 -5.96
CA PRO B 5 -3.71 6.81 -6.16
C PRO B 5 -2.75 7.14 -5.00
N LEU B 6 -1.53 7.58 -5.30
CA LEU B 6 -0.59 7.94 -4.24
C LEU B 6 -0.91 9.31 -3.72
N PRO B 7 -0.84 9.42 -2.40
CA PRO B 7 -1.19 10.64 -1.65
C PRO B 7 -0.38 11.88 -2.04
N PHE B 8 0.65 11.68 -2.85
CA PHE B 8 1.45 12.80 -3.33
C PHE B 8 1.35 12.90 -4.85
N LEU A 1 3.99 -3.18 11.92
CA LEU A 1 3.66 -2.95 10.49
C LEU A 1 3.14 -4.22 9.81
N PRO A 2 3.97 -5.29 9.71
CA PRO A 2 3.60 -6.55 9.02
C PRO A 2 2.16 -7.07 9.30
N PRO A 3 1.68 -7.12 10.57
CA PRO A 3 0.32 -7.61 10.87
C PRO A 3 -0.78 -6.92 10.08
N GLY A 4 -0.57 -5.65 9.76
CA GLY A 4 -1.56 -4.90 9.03
C GLY A 4 -1.14 -4.59 7.60
N TRP A 5 0.11 -4.22 7.44
CA TRP A 5 0.64 -3.77 6.16
C TRP A 5 1.18 -4.96 5.35
N GLU A 6 0.42 -5.38 4.36
CA GLU A 6 0.85 -6.42 3.43
C GLU A 6 1.48 -5.77 2.22
N LYS A 7 2.53 -6.36 1.70
CA LYS A 7 3.11 -5.85 0.47
C LYS A 7 2.46 -6.53 -0.71
N ARG A 8 1.54 -5.78 -1.29
CA ARG A 8 0.68 -6.25 -2.37
C ARG A 8 1.08 -5.54 -3.66
N MET A 9 0.89 -6.19 -4.79
CA MET A 9 1.37 -5.66 -6.05
C MET A 9 0.32 -4.76 -6.69
N SER A 10 0.71 -3.52 -6.91
CA SER A 10 -0.18 -2.51 -7.43
C SER A 10 -0.14 -2.49 -8.95
N ARG A 11 -1.33 -2.37 -9.54
CA ARG A 11 -1.54 -2.56 -10.96
C ARG A 11 -0.92 -1.45 -11.82
N SER A 12 -0.78 -0.27 -11.26
CA SER A 12 -0.35 0.88 -12.05
C SER A 12 1.11 0.75 -12.47
N SER A 13 2.02 0.88 -11.52
CA SER A 13 3.44 0.83 -11.83
C SER A 13 3.99 -0.60 -11.75
N GLY A 14 3.19 -1.53 -11.23
CA GLY A 14 3.69 -2.87 -10.97
C GLY A 14 4.67 -2.86 -9.81
N ARG A 15 4.21 -2.34 -8.69
CA ARG A 15 5.08 -2.07 -7.54
C ARG A 15 4.46 -2.61 -6.26
N VAL A 16 5.28 -2.98 -5.30
CA VAL A 16 4.76 -3.54 -4.06
C VAL A 16 4.51 -2.44 -3.05
N TYR A 17 3.25 -2.04 -3.03
CA TYR A 17 2.77 -0.99 -2.16
C TYR A 17 2.33 -1.60 -0.85
N TYR A 18 2.43 -0.83 0.21
CA TYR A 18 2.13 -1.35 1.53
C TYR A 18 0.63 -1.13 1.80
N PHE A 19 -0.14 -2.20 1.67
CA PHE A 19 -1.58 -2.16 1.85
C PHE A 19 -1.95 -2.57 3.27
N ASN A 20 -2.57 -1.67 4.00
CA ASN A 20 -2.92 -1.93 5.40
C ASN A 20 -4.43 -1.96 5.58
N HIS A 21 -4.96 -3.13 5.90
CA HIS A 21 -6.41 -3.29 6.00
C HIS A 21 -6.94 -3.07 7.42
N ILE A 22 -6.08 -2.70 8.36
CA ILE A 22 -6.58 -2.32 9.67
C ILE A 22 -7.20 -0.93 9.57
N THR A 23 -6.50 -0.02 8.88
CA THR A 23 -7.06 1.27 8.51
C THR A 23 -7.76 1.19 7.15
N ASN A 24 -7.50 0.10 6.43
CA ASN A 24 -8.06 -0.14 5.09
C ASN A 24 -7.47 0.84 4.06
N ALA A 25 -6.35 1.45 4.42
CA ALA A 25 -5.69 2.41 3.54
C ALA A 25 -4.55 1.75 2.77
N SER A 26 -4.31 2.23 1.57
CA SER A 26 -3.28 1.69 0.71
C SER A 26 -2.19 2.73 0.44
N GLN A 27 -0.96 2.44 0.86
CA GLN A 27 0.13 3.39 0.74
C GLN A 27 1.24 2.87 -0.17
N TRP A 28 1.38 3.48 -1.34
CA TRP A 28 2.52 3.19 -2.21
C TRP A 28 3.78 3.76 -1.58
N GLU A 29 3.59 4.91 -0.98
CA GLU A 29 4.67 5.63 -0.36
C GLU A 29 4.79 5.14 1.09
N ARG A 30 5.96 5.31 1.70
CA ARG A 30 6.29 4.57 2.92
C ARG A 30 5.47 5.04 4.13
N PRO A 31 4.96 4.06 4.92
CA PRO A 31 4.13 4.34 6.10
C PRO A 31 4.86 5.14 7.18
N SER A 32 6.17 4.95 7.26
CA SER A 32 6.98 5.56 8.30
C SER A 32 7.85 6.70 7.75
N GLY A 33 7.65 7.03 6.49
CA GLY A 33 8.45 8.08 5.87
C GLY A 33 9.81 7.58 5.46
N ARG B 1 -9.03 -2.66 -10.85
CA ARG B 1 -9.32 -3.49 -9.66
C ARG B 1 -9.26 -2.60 -8.43
N ILE B 2 -8.46 -2.96 -7.46
CA ILE B 2 -8.14 -2.03 -6.41
C ILE B 2 -6.70 -1.60 -6.57
N PRO B 4 -4.45 1.87 -6.06
CA PRO B 4 -4.30 3.18 -5.45
C PRO B 4 -3.50 4.15 -6.27
N PRO B 5 -3.99 5.36 -6.22
CA PRO B 5 -3.23 6.57 -6.49
C PRO B 5 -2.24 6.84 -5.34
N LEU B 6 -1.01 7.24 -5.65
CA LEU B 6 -0.04 7.52 -4.59
C LEU B 6 -0.39 8.84 -3.94
N PRO B 7 -0.27 8.83 -2.62
CA PRO B 7 -0.70 9.92 -1.72
C PRO B 7 -0.10 11.30 -2.05
N PHE B 8 0.88 11.32 -2.96
CA PHE B 8 1.49 12.56 -3.40
C PHE B 8 0.48 13.41 -4.17
#